data_8ORY
#
_entry.id   8ORY
#
_entity_poly.entity_id   1
_entity_poly.type   'polypeptide(L)'
_entity_poly.pdbx_seq_one_letter_code
;KKKLHFMYVLLLLFVLLFFVGCGVLLSKKK
;
_entity_poly.pdbx_strand_id   A
#
# COMPACT_ATOMS: atom_id res chain seq x y z
N LYS A 1 10.22 8.41 20.07
CA LYS A 1 10.67 8.34 18.65
C LYS A 1 10.00 7.17 17.93
N LYS A 2 9.86 6.05 18.63
CA LYS A 2 9.23 4.86 18.05
C LYS A 2 7.77 5.13 17.70
N LYS A 3 7.18 6.13 18.36
CA LYS A 3 5.78 6.49 18.12
C LYS A 3 5.57 6.91 16.68
N LEU A 4 6.60 7.50 16.07
CA LEU A 4 6.51 7.96 14.68
C LEU A 4 6.67 6.78 13.71
N HIS A 5 7.63 5.91 14.00
CA HIS A 5 7.89 4.75 13.15
C HIS A 5 6.67 3.82 13.12
N PHE A 6 6.05 3.63 14.28
CA PHE A 6 4.88 2.76 14.39
C PHE A 6 3.71 3.32 13.59
N MET A 7 3.78 4.61 13.26
CA MET A 7 2.73 5.26 12.50
C MET A 7 2.96 5.14 10.99
N TYR A 8 4.22 4.99 10.60
CA TYR A 8 4.58 4.87 9.19
C TYR A 8 4.52 3.41 8.74
N VAL A 9 4.91 2.50 9.62
CA VAL A 9 4.91 1.07 9.31
C VAL A 9 3.51 0.58 8.96
N LEU A 10 2.50 1.19 9.58
CA LEU A 10 1.11 0.81 9.31
C LEU A 10 0.66 1.33 7.95
N LEU A 11 1.39 2.33 7.44
CA LEU A 11 1.07 2.92 6.14
C LEU A 11 1.48 1.98 5.02
N LEU A 12 2.55 1.21 5.23
CA LEU A 12 3.04 0.27 4.23
C LEU A 12 1.93 -0.68 3.80
N LEU A 13 1.15 -1.16 4.77
CA LEU A 13 0.05 -2.08 4.48
C LEU A 13 -0.93 -1.46 3.50
N PHE A 14 -1.00 -0.13 3.51
CA PHE A 14 -1.89 0.61 2.62
C PHE A 14 -1.23 0.79 1.25
N VAL A 15 0.09 0.85 1.23
CA VAL A 15 0.84 1.03 0.00
C VAL A 15 0.66 -0.16 -0.94
N LEU A 16 0.79 -1.37 -0.38
CA LEU A 16 0.63 -2.59 -1.16
C LEU A 16 -0.76 -2.66 -1.78
N LEU A 17 -1.78 -2.39 -0.97
CA LEU A 17 -3.16 -2.43 -1.44
C LEU A 17 -3.42 -1.30 -2.43
N PHE A 18 -2.58 -0.27 -2.39
CA PHE A 18 -2.72 0.87 -3.29
C PHE A 18 -2.20 0.53 -4.69
N PHE A 19 -1.05 -0.13 -4.74
CA PHE A 19 -0.46 -0.51 -6.02
C PHE A 19 -1.25 -1.62 -6.70
N VAL A 20 -1.56 -2.67 -5.94
CA VAL A 20 -2.32 -3.79 -6.48
C VAL A 20 -3.73 -3.38 -6.86
N GLY A 21 -4.22 -2.31 -6.23
CA GLY A 21 -5.55 -1.82 -6.53
C GLY A 21 -5.67 -1.32 -7.95
N CYS A 22 -4.62 -0.65 -8.43
CA CYS A 22 -4.62 -0.10 -9.78
C CYS A 22 -4.12 -1.15 -10.77
N GLY A 23 -3.36 -2.12 -10.27
CA GLY A 23 -2.84 -3.18 -11.12
C GLY A 23 -3.93 -3.95 -11.81
N VAL A 24 -5.05 -4.17 -11.12
CA VAL A 24 -6.16 -4.90 -11.68
C VAL A 24 -6.96 -4.04 -12.67
N LEU A 25 -6.89 -2.72 -12.46
CA LEU A 25 -7.59 -1.78 -13.33
C LEU A 25 -7.01 -1.82 -14.75
N LEU A 26 -5.69 -1.89 -14.83
CA LEU A 26 -5.01 -1.93 -16.12
C LEU A 26 -4.96 -3.35 -16.67
N SER A 27 -4.67 -4.32 -15.80
CA SER A 27 -4.60 -5.71 -16.20
C SER A 27 -5.95 -6.21 -16.70
N LYS A 28 -7.00 -5.46 -16.37
CA LYS A 28 -8.36 -5.82 -16.79
C LYS A 28 -8.47 -5.90 -18.31
N LYS A 29 -7.67 -5.08 -18.99
CA LYS A 29 -7.67 -5.06 -20.44
C LYS A 29 -6.25 -5.04 -20.99
N LYS A 30 -5.53 -3.95 -20.72
CA LYS A 30 -4.15 -3.81 -21.19
C LYS A 30 -3.16 -4.03 -20.05
N LYS A 1 11.96 8.71 18.40
CA LYS A 1 10.73 8.71 17.55
C LYS A 1 10.30 7.28 17.24
N LYS A 2 10.57 6.38 18.18
CA LYS A 2 10.20 4.97 18.02
C LYS A 2 8.69 4.80 17.99
N LYS A 3 7.99 5.70 18.70
CA LYS A 3 6.54 5.65 18.77
C LYS A 3 5.93 6.18 17.47
N LEU A 4 6.43 7.31 16.99
CA LEU A 4 5.94 7.91 15.76
C LEU A 4 6.25 7.04 14.56
N HIS A 5 7.30 6.23 14.69
CA HIS A 5 7.71 5.33 13.60
C HIS A 5 6.68 4.23 13.40
N PHE A 6 5.98 3.86 14.47
CA PHE A 6 4.96 2.82 14.40
C PHE A 6 3.78 3.29 13.54
N MET A 7 3.72 4.59 13.30
CA MET A 7 2.64 5.17 12.50
C MET A 7 2.94 5.05 11.01
N TYR A 8 4.23 4.96 10.66
CA TYR A 8 4.63 4.85 9.27
C TYR A 8 4.65 3.39 8.81
N VAL A 9 5.03 2.49 9.71
CA VAL A 9 5.08 1.07 9.39
C VAL A 9 3.71 0.55 8.95
N LEU A 10 2.66 1.14 9.49
CA LEU A 10 1.30 0.74 9.14
C LEU A 10 0.93 1.28 7.75
N LEU A 11 1.61 2.34 7.33
CA LEU A 11 1.36 2.95 6.03
C LEU A 11 1.70 1.98 4.91
N LEU A 12 2.80 1.23 5.09
CA LEU A 12 3.23 0.26 4.09
C LEU A 12 2.10 -0.71 3.75
N LEU A 13 1.26 -1.00 4.74
CA LEU A 13 0.14 -1.90 4.55
C LEU A 13 -0.85 -1.31 3.56
N PHE A 14 -1.02 0.00 3.61
CA PHE A 14 -1.93 0.70 2.72
C PHE A 14 -1.34 0.79 1.32
N VAL A 15 -0.01 0.82 1.25
CA VAL A 15 0.69 0.91 -0.03
C VAL A 15 0.47 -0.34 -0.87
N LEU A 16 0.53 -1.51 -0.22
CA LEU A 16 0.34 -2.78 -0.92
C LEU A 16 -1.01 -2.80 -1.63
N LEU A 17 -2.08 -2.49 -0.90
CA LEU A 17 -3.42 -2.48 -1.46
C LEU A 17 -3.61 -1.29 -2.41
N PHE A 18 -2.75 -0.28 -2.26
CA PHE A 18 -2.82 0.91 -3.09
C PHE A 18 -2.44 0.60 -4.53
N PHE A 19 -1.38 -0.19 -4.71
CA PHE A 19 -0.91 -0.56 -6.04
C PHE A 19 -1.77 -1.67 -6.65
N VAL A 20 -1.92 -2.77 -5.92
CA VAL A 20 -2.70 -3.90 -6.39
C VAL A 20 -4.18 -3.52 -6.55
N GLY A 21 -4.60 -2.48 -5.84
CA GLY A 21 -5.97 -2.04 -5.91
C GLY A 21 -6.32 -1.42 -7.26
N CYS A 22 -5.28 -1.07 -8.02
CA CYS A 22 -5.47 -0.47 -9.33
C CYS A 22 -5.61 -1.55 -10.41
N GLY A 23 -5.17 -2.76 -10.09
CA GLY A 23 -5.23 -3.85 -11.03
C GLY A 23 -6.66 -4.31 -11.29
N VAL A 24 -7.50 -4.21 -10.27
CA VAL A 24 -8.91 -4.62 -10.39
C VAL A 24 -9.72 -3.58 -11.16
N LEU A 25 -9.26 -2.33 -11.12
CA LEU A 25 -9.95 -1.25 -11.81
C LEU A 25 -9.87 -1.42 -13.32
N LEU A 26 -8.83 -2.10 -13.79
CA LEU A 26 -8.64 -2.33 -15.22
C LEU A 26 -9.59 -3.41 -15.73
N SER A 27 -10.21 -4.13 -14.80
CA SER A 27 -11.15 -5.20 -15.15
C SER A 27 -12.38 -4.64 -15.85
N LYS A 28 -12.60 -3.34 -15.70
CA LYS A 28 -13.74 -2.68 -16.31
C LYS A 28 -13.57 -2.61 -17.83
N LYS A 29 -12.32 -2.58 -18.28
CA LYS A 29 -12.03 -2.52 -19.70
C LYS A 29 -11.02 -3.61 -20.08
N LYS A 30 -11.52 -4.78 -20.46
CA LYS A 30 -10.68 -5.91 -20.84
C LYS A 30 -9.67 -6.23 -19.74
N LYS A 1 9.44 11.29 17.32
CA LYS A 1 9.73 10.30 16.25
C LYS A 1 9.41 8.88 16.73
N LYS A 2 8.91 8.78 17.97
CA LYS A 2 8.56 7.49 18.54
C LYS A 2 7.25 6.97 17.96
N LYS A 3 6.20 7.77 18.07
CA LYS A 3 4.89 7.39 17.54
C LYS A 3 4.82 7.57 16.03
N LEU A 4 5.70 8.43 15.51
CA LEU A 4 5.74 8.70 14.07
C LEU A 4 6.29 7.50 13.30
N HIS A 5 7.01 6.63 14.01
CA HIS A 5 7.59 5.45 13.39
C HIS A 5 6.56 4.33 13.25
N PHE A 6 5.83 4.07 14.33
CA PHE A 6 4.81 3.03 14.33
C PHE A 6 3.65 3.41 13.42
N MET A 7 3.51 4.70 13.15
CA MET A 7 2.43 5.19 12.30
C MET A 7 2.77 5.01 10.82
N TYR A 8 4.07 4.94 10.53
CA TYR A 8 4.54 4.77 9.15
C TYR A 8 4.60 3.30 8.77
N VAL A 9 5.04 2.46 9.71
CA VAL A 9 5.15 1.02 9.46
C VAL A 9 3.80 0.44 9.06
N LEU A 10 2.72 1.05 9.55
CA LEU A 10 1.37 0.60 9.24
C LEU A 10 0.95 1.10 7.85
N LEU A 11 1.56 2.20 7.43
CA LEU A 11 1.27 2.78 6.12
C LEU A 11 1.70 1.83 5.01
N LEU A 12 2.76 1.08 5.25
CA LEU A 12 3.28 0.13 4.28
C LEU A 12 2.18 -0.82 3.80
N LEU A 13 1.38 -1.31 4.74
CA LEU A 13 0.29 -2.22 4.42
C LEU A 13 -0.72 -1.54 3.50
N PHE A 14 -0.81 -0.22 3.63
CA PHE A 14 -1.74 0.56 2.81
C PHE A 14 -1.15 0.79 1.41
N VAL A 15 0.18 0.81 1.33
CA VAL A 15 0.86 1.02 0.06
C VAL A 15 0.58 -0.13 -0.90
N LEU A 16 0.53 -1.34 -0.37
CA LEU A 16 0.28 -2.53 -1.18
C LEU A 16 -1.08 -2.43 -1.87
N LEU A 17 -2.13 -2.23 -1.07
CA LEU A 17 -3.49 -2.13 -1.59
C LEU A 17 -3.65 -0.89 -2.48
N PHE A 18 -2.75 0.07 -2.31
CA PHE A 18 -2.80 1.30 -3.09
C PHE A 18 -2.31 1.08 -4.53
N PHE A 19 -1.10 0.53 -4.66
CA PHE A 19 -0.52 0.28 -5.97
C PHE A 19 -1.32 -0.75 -6.76
N VAL A 20 -1.85 -1.76 -6.07
CA VAL A 20 -2.63 -2.79 -6.73
C VAL A 20 -4.06 -2.32 -7.00
N GLY A 21 -4.48 -1.30 -6.26
CA GLY A 21 -5.83 -0.77 -6.44
C GLY A 21 -5.95 0.13 -7.65
N CYS A 22 -4.90 0.90 -7.93
CA CYS A 22 -4.89 1.82 -9.06
C CYS A 22 -4.53 1.09 -10.35
N GLY A 23 -3.80 -0.02 -10.22
CA GLY A 23 -3.40 -0.79 -11.39
C GLY A 23 -4.57 -1.44 -12.09
N VAL A 24 -5.53 -1.93 -11.31
CA VAL A 24 -6.71 -2.59 -11.86
C VAL A 24 -7.74 -1.56 -12.33
N LEU A 25 -7.73 -0.40 -11.69
CA LEU A 25 -8.67 0.67 -12.03
C LEU A 25 -8.41 1.19 -13.45
N LEU A 26 -7.14 1.43 -13.77
CA LEU A 26 -6.76 1.93 -15.07
C LEU A 26 -7.18 0.95 -16.18
N SER A 27 -7.17 -0.34 -15.86
CA SER A 27 -7.55 -1.36 -16.82
C SER A 27 -9.00 -1.21 -17.25
N LYS A 28 -9.81 -0.61 -16.39
CA LYS A 28 -11.23 -0.40 -16.67
C LYS A 28 -11.41 0.80 -17.60
N LYS A 29 -10.94 1.96 -17.16
CA LYS A 29 -11.06 3.18 -17.95
C LYS A 29 -9.91 3.30 -18.96
N LYS A 30 -9.85 2.34 -19.88
CA LYS A 30 -8.80 2.35 -20.90
C LYS A 30 -9.09 3.39 -21.98
N LYS A 1 11.30 7.42 19.16
CA LYS A 1 11.69 7.08 17.77
C LYS A 1 10.90 5.88 17.26
N LYS A 2 10.62 4.94 18.14
CA LYS A 2 9.86 3.75 17.77
C LYS A 2 8.36 4.03 17.72
N LYS A 3 7.93 5.06 18.45
CA LYS A 3 6.52 5.43 18.49
C LYS A 3 6.09 6.09 17.19
N LEU A 4 6.88 7.06 16.72
CA LEU A 4 6.57 7.77 15.49
C LEU A 4 6.71 6.84 14.28
N HIS A 5 7.72 5.98 14.32
CA HIS A 5 7.96 5.04 13.22
C HIS A 5 6.84 4.00 13.16
N PHE A 6 6.21 3.73 14.30
CA PHE A 6 5.13 2.76 14.37
C PHE A 6 3.91 3.24 13.58
N MET A 7 3.87 4.54 13.30
CA MET A 7 2.75 5.12 12.57
C MET A 7 2.97 5.00 11.06
N TYR A 8 4.23 4.89 10.65
CA TYR A 8 4.56 4.77 9.23
C TYR A 8 4.54 3.31 8.78
N VAL A 9 4.94 2.41 9.67
CA VAL A 9 4.95 0.98 9.35
C VAL A 9 3.57 0.50 8.94
N LEU A 10 2.53 1.16 9.45
CA LEU A 10 1.16 0.81 9.13
C LEU A 10 0.78 1.35 7.76
N LEU A 11 1.46 2.43 7.35
CA LEU A 11 1.21 3.06 6.07
C LEU A 11 1.52 2.09 4.93
N LEU A 12 2.59 1.32 5.09
CA LEU A 12 3.01 0.35 4.09
C LEU A 12 1.87 -0.62 3.77
N LEU A 13 1.08 -0.96 4.79
CA LEU A 13 -0.03 -1.87 4.63
C LEU A 13 -1.02 -1.31 3.61
N PHE A 14 -1.11 0.01 3.55
CA PHE A 14 -1.99 0.68 2.62
C PHE A 14 -1.36 0.79 1.24
N VAL A 15 -0.02 0.83 1.22
CA VAL A 15 0.72 0.93 -0.04
C VAL A 15 0.58 -0.35 -0.85
N LEU A 16 0.72 -1.49 -0.18
CA LEU A 16 0.61 -2.79 -0.85
C LEU A 16 -0.71 -2.91 -1.60
N LEU A 17 -1.81 -2.68 -0.89
CA LEU A 17 -3.14 -2.76 -1.50
C LEU A 17 -3.28 -1.73 -2.62
N PHE A 18 -2.60 -0.60 -2.47
CA PHE A 18 -2.66 0.47 -3.45
C PHE A 18 -2.03 0.03 -4.78
N PHE A 19 -1.00 -0.80 -4.71
CA PHE A 19 -0.32 -1.28 -5.91
C PHE A 19 -1.07 -2.45 -6.53
N VAL A 20 -1.27 -3.51 -5.76
CA VAL A 20 -1.97 -4.69 -6.26
C VAL A 20 -3.40 -4.36 -6.69
N GLY A 21 -3.97 -3.31 -6.10
CA GLY A 21 -5.31 -2.90 -6.44
C GLY A 21 -5.40 -2.29 -7.83
N CYS A 22 -4.28 -1.80 -8.33
CA CYS A 22 -4.23 -1.20 -9.66
C CYS A 22 -3.99 -2.25 -10.73
N GLY A 23 -3.00 -3.10 -10.51
CA GLY A 23 -2.67 -4.14 -11.47
C GLY A 23 -3.85 -5.05 -11.78
N VAL A 24 -4.75 -5.21 -10.82
CA VAL A 24 -5.91 -6.07 -11.01
C VAL A 24 -6.99 -5.38 -11.83
N LEU A 25 -7.09 -4.06 -11.69
CA LEU A 25 -8.07 -3.28 -12.43
C LEU A 25 -7.91 -3.45 -13.93
N LEU A 26 -6.66 -3.65 -14.36
CA LEU A 26 -6.38 -3.83 -15.78
C LEU A 26 -6.72 -5.25 -16.24
N SER A 27 -6.48 -6.22 -15.37
CA SER A 27 -6.76 -7.62 -15.68
C SER A 27 -8.26 -7.88 -15.67
N LYS A 28 -9.02 -6.97 -15.07
CA LYS A 28 -10.47 -7.11 -14.99
C LYS A 28 -11.14 -6.57 -16.24
N LYS A 29 -10.77 -5.34 -16.63
CA LYS A 29 -11.34 -4.71 -17.81
C LYS A 29 -10.30 -4.57 -18.92
N LYS A 30 -9.45 -3.56 -18.80
CA LYS A 30 -8.40 -3.31 -19.79
C LYS A 30 -7.30 -2.44 -19.21
N LYS A 1 9.97 9.51 18.44
CA LYS A 1 10.58 8.86 17.24
C LYS A 1 9.98 7.48 17.01
N LYS A 2 9.98 6.65 18.05
CA LYS A 2 9.45 5.30 17.95
C LYS A 2 7.94 5.33 17.70
N LYS A 3 7.31 6.44 18.07
CA LYS A 3 5.87 6.60 17.87
C LYS A 3 5.56 6.96 16.42
N LEU A 4 6.34 7.89 15.87
CA LEU A 4 6.16 8.33 14.50
C LEU A 4 6.55 7.24 13.52
N HIS A 5 7.41 6.32 13.97
CA HIS A 5 7.87 5.23 13.13
C HIS A 5 6.83 4.11 13.10
N PHE A 6 6.20 3.86 14.25
CA PHE A 6 5.19 2.82 14.35
C PHE A 6 3.94 3.23 13.58
N MET A 7 3.82 4.52 13.29
CA MET A 7 2.69 5.05 12.55
C MET A 7 2.92 4.94 11.04
N TYR A 8 4.20 4.85 10.66
CA TYR A 8 4.57 4.73 9.25
C TYR A 8 4.57 3.28 8.81
N VAL A 9 4.95 2.37 9.72
CA VAL A 9 4.99 0.95 9.40
C VAL A 9 3.60 0.43 9.03
N LEU A 10 2.57 1.08 9.58
CA LEU A 10 1.20 0.70 9.29
C LEU A 10 0.78 1.22 7.92
N LEU A 11 1.49 2.25 7.46
CA LEU A 11 1.21 2.86 6.16
C LEU A 11 1.58 1.90 5.03
N LEU A 12 2.67 1.15 5.23
CA LEU A 12 3.13 0.19 4.24
C LEU A 12 2.01 -0.74 3.79
N LEU A 13 1.20 -1.19 4.75
CA LEU A 13 0.09 -2.08 4.46
C LEU A 13 -0.84 -1.44 3.43
N PHE A 14 -1.05 -0.13 3.58
CA PHE A 14 -1.91 0.62 2.66
C PHE A 14 -1.25 0.77 1.30
N VAL A 15 0.08 0.83 1.29
CA VAL A 15 0.83 0.96 0.05
C VAL A 15 0.65 -0.26 -0.84
N LEU A 16 0.64 -1.44 -0.23
CA LEU A 16 0.48 -2.69 -0.97
C LEU A 16 -0.82 -2.69 -1.76
N LEU A 17 -1.93 -2.39 -1.07
CA LEU A 17 -3.24 -2.35 -1.72
C LEU A 17 -3.32 -1.23 -2.75
N PHE A 18 -2.44 -0.25 -2.62
CA PHE A 18 -2.42 0.88 -3.55
C PHE A 18 -1.85 0.48 -4.90
N PHE A 19 -0.72 -0.22 -4.89
CA PHE A 19 -0.07 -0.65 -6.12
C PHE A 19 -0.82 -1.82 -6.77
N VAL A 20 -1.11 -2.85 -5.99
CA VAL A 20 -1.82 -4.02 -6.51
C VAL A 20 -3.22 -3.65 -7.00
N GLY A 21 -3.74 -2.54 -6.49
CA GLY A 21 -5.06 -2.09 -6.89
C GLY A 21 -5.13 -1.72 -8.36
N CYS A 22 -3.98 -1.42 -8.94
CA CYS A 22 -3.91 -1.05 -10.35
C CYS A 22 -3.80 -2.30 -11.24
N GLY A 23 -3.03 -3.26 -10.77
CA GLY A 23 -2.86 -4.50 -11.53
C GLY A 23 -4.10 -5.35 -11.56
N VAL A 24 -4.79 -5.43 -10.42
CA VAL A 24 -6.01 -6.22 -10.32
C VAL A 24 -7.11 -5.65 -11.22
N LEU A 25 -7.04 -4.35 -11.48
CA LEU A 25 -8.02 -3.68 -12.32
C LEU A 25 -8.04 -4.30 -13.72
N LEU A 26 -6.87 -4.60 -14.25
CA LEU A 26 -6.76 -5.19 -15.58
C LEU A 26 -7.14 -6.67 -15.54
N SER A 27 -7.09 -7.25 -14.35
CA SER A 27 -7.43 -8.66 -14.16
C SER A 27 -8.93 -8.85 -14.11
N LYS A 28 -9.65 -7.80 -13.72
CA LYS A 28 -11.10 -7.85 -13.63
C LYS A 28 -11.73 -7.87 -15.02
N LYS A 29 -11.07 -7.21 -15.97
CA LYS A 29 -11.56 -7.16 -17.35
C LYS A 29 -10.48 -6.64 -18.29
N LYS A 30 -10.18 -7.40 -19.32
CA LYS A 30 -9.17 -7.03 -20.29
C LYS A 30 -9.80 -6.25 -21.45
N LYS A 1 10.52 6.62 21.66
CA LYS A 1 9.99 7.35 20.49
C LYS A 1 9.71 6.40 19.33
N LYS A 2 9.75 5.10 19.61
CA LYS A 2 9.51 4.08 18.59
C LYS A 2 8.07 4.18 18.08
N LYS A 3 7.20 4.77 18.89
CA LYS A 3 5.80 4.93 18.53
C LYS A 3 5.66 5.84 17.30
N LEU A 4 6.58 6.79 17.17
CA LEU A 4 6.55 7.72 16.04
C LEU A 4 6.67 6.97 14.72
N HIS A 5 7.72 6.16 14.59
CA HIS A 5 7.95 5.38 13.38
C HIS A 5 6.90 4.27 13.24
N PHE A 6 6.27 3.93 14.36
CA PHE A 6 5.25 2.88 14.38
C PHE A 6 4.01 3.34 13.62
N MET A 7 3.90 4.65 13.39
CA MET A 7 2.75 5.20 12.68
C MET A 7 2.95 5.10 11.17
N TYR A 8 4.20 4.98 10.74
CA TYR A 8 4.51 4.88 9.32
C TYR A 8 4.49 3.43 8.86
N VAL A 9 4.92 2.52 9.72
CA VAL A 9 4.95 1.10 9.39
C VAL A 9 3.56 0.59 9.01
N LEU A 10 2.53 1.23 9.55
CA LEU A 10 1.15 0.84 9.24
C LEU A 10 0.77 1.30 7.84
N LEU A 11 1.42 2.36 7.38
CA LEU A 11 1.16 2.90 6.05
C LEU A 11 1.58 1.92 4.97
N LEU A 12 2.65 1.17 5.23
CA LEU A 12 3.16 0.18 4.28
C LEU A 12 2.05 -0.78 3.84
N LEU A 13 1.28 -1.27 4.81
CA LEU A 13 0.19 -2.19 4.50
C LEU A 13 -0.79 -1.57 3.51
N PHE A 14 -0.92 -0.25 3.58
CA PHE A 14 -1.82 0.47 2.69
C PHE A 14 -1.19 0.63 1.30
N VAL A 15 0.14 0.72 1.27
CA VAL A 15 0.87 0.87 0.02
C VAL A 15 0.63 -0.32 -0.90
N LEU A 16 0.44 -1.49 -0.30
CA LEU A 16 0.20 -2.72 -1.07
C LEU A 16 -1.05 -2.58 -1.92
N LEU A 17 -2.19 -2.41 -1.25
CA LEU A 17 -3.47 -2.27 -1.94
C LEU A 17 -3.46 -1.08 -2.90
N PHE A 18 -2.53 -0.15 -2.68
CA PHE A 18 -2.41 1.03 -3.52
C PHE A 18 -1.94 0.65 -4.92
N PHE A 19 -0.88 -0.16 -4.98
CA PHE A 19 -0.32 -0.58 -6.26
C PHE A 19 -1.10 -1.75 -6.87
N VAL A 20 -1.29 -2.81 -6.09
CA VAL A 20 -2.01 -3.99 -6.56
C VAL A 20 -3.46 -3.65 -6.89
N GLY A 21 -3.95 -2.55 -6.32
CA GLY A 21 -5.33 -2.15 -6.57
C GLY A 21 -5.52 -1.66 -7.99
N CYS A 22 -4.43 -1.38 -8.68
CA CYS A 22 -4.48 -0.90 -10.05
C CYS A 22 -4.50 -2.06 -11.04
N GLY A 23 -3.77 -3.12 -10.71
CA GLY A 23 -3.70 -4.28 -11.58
C GLY A 23 -5.05 -4.92 -11.81
N VAL A 24 -5.86 -4.99 -10.77
CA VAL A 24 -7.19 -5.59 -10.86
C VAL A 24 -8.07 -4.87 -11.88
N LEU A 25 -7.76 -3.60 -12.11
CA LEU A 25 -8.53 -2.79 -13.07
C LEU A 25 -8.30 -3.29 -14.50
N LEU A 26 -7.07 -3.72 -14.77
CA LEU A 26 -6.72 -4.22 -16.10
C LEU A 26 -7.40 -5.55 -16.38
N SER A 27 -7.72 -6.29 -15.33
CA SER A 27 -8.37 -7.59 -15.47
C SER A 27 -9.88 -7.42 -15.64
N LYS A 28 -10.51 -6.81 -14.63
CA LYS A 28 -11.96 -6.58 -14.66
C LYS A 28 -12.34 -5.64 -15.79
N LYS A 29 -11.79 -4.42 -15.75
CA LYS A 29 -12.08 -3.42 -16.76
C LYS A 29 -13.58 -3.19 -16.89
N LYS A 30 -14.20 -2.72 -15.80
CA LYS A 30 -15.63 -2.45 -15.80
C LYS A 30 -16.01 -1.63 -14.57
N LYS A 1 11.59 7.99 19.03
CA LYS A 1 11.78 7.82 17.57
C LYS A 1 11.11 6.54 17.08
N LYS A 2 10.95 5.59 17.99
CA LYS A 2 10.31 4.31 17.65
C LYS A 2 8.83 4.49 17.38
N LYS A 3 8.20 5.41 18.12
CA LYS A 3 6.77 5.69 17.96
C LYS A 3 6.48 6.26 16.58
N LEU A 4 7.43 7.05 16.06
CA LEU A 4 7.28 7.67 14.75
C LEU A 4 7.30 6.63 13.63
N HIS A 5 8.09 5.57 13.83
CA HIS A 5 8.19 4.51 12.84
C HIS A 5 6.97 3.59 12.88
N PHE A 6 6.41 3.41 14.07
CA PHE A 6 5.25 2.56 14.24
C PHE A 6 4.01 3.18 13.58
N MET A 7 4.06 4.50 13.38
CA MET A 7 2.96 5.20 12.74
C MET A 7 3.07 5.14 11.23
N TYR A 8 4.28 4.87 10.74
CA TYR A 8 4.52 4.78 9.31
C TYR A 8 4.27 3.36 8.80
N VAL A 9 4.64 2.37 9.61
CA VAL A 9 4.45 0.97 9.23
C VAL A 9 2.99 0.67 8.94
N LEU A 10 2.09 1.34 9.67
CA LEU A 10 0.66 1.14 9.46
C LEU A 10 0.25 1.62 8.08
N LEU A 11 0.97 2.62 7.58
CA LEU A 11 0.70 3.18 6.26
C LEU A 11 1.23 2.25 5.18
N LEU A 12 2.36 1.62 5.46
CA LEU A 12 2.99 0.70 4.52
C LEU A 12 2.01 -0.36 4.04
N LEU A 13 1.16 -0.83 4.95
CA LEU A 13 0.18 -1.85 4.62
C LEU A 13 -0.75 -1.36 3.51
N PHE A 14 -1.04 -0.06 3.52
CA PHE A 14 -1.91 0.55 2.52
C PHE A 14 -1.16 0.71 1.20
N VAL A 15 0.15 0.93 1.29
CA VAL A 15 0.98 1.11 0.09
C VAL A 15 1.04 -0.17 -0.73
N LEU A 16 0.92 -1.31 -0.06
CA LEU A 16 0.96 -2.60 -0.74
C LEU A 16 -0.21 -2.75 -1.71
N LEU A 17 -1.42 -2.79 -1.18
CA LEU A 17 -2.62 -2.95 -1.99
C LEU A 17 -2.72 -1.85 -3.05
N PHE A 18 -2.03 -0.73 -2.82
CA PHE A 18 -2.04 0.39 -3.75
C PHE A 18 -1.31 0.03 -5.05
N PHE A 19 -0.06 -0.40 -4.93
CA PHE A 19 0.74 -0.76 -6.10
C PHE A 19 0.26 -2.05 -6.75
N VAL A 20 0.18 -3.12 -5.96
CA VAL A 20 -0.25 -4.41 -6.48
C VAL A 20 -1.63 -4.33 -7.13
N GLY A 21 -2.39 -3.30 -6.77
CA GLY A 21 -3.72 -3.12 -7.32
C GLY A 21 -3.71 -3.03 -8.83
N CYS A 22 -2.86 -2.17 -9.37
CA CYS A 22 -2.76 -1.97 -10.81
C CYS A 22 -1.96 -3.10 -11.45
N GLY A 23 -1.20 -3.83 -10.64
CA GLY A 23 -0.40 -4.93 -11.14
C GLY A 23 -1.24 -6.15 -11.49
N VAL A 24 -2.18 -6.47 -10.62
CA VAL A 24 -3.06 -7.62 -10.84
C VAL A 24 -4.15 -7.32 -11.86
N LEU A 25 -4.50 -6.04 -11.99
CA LEU A 25 -5.52 -5.61 -12.93
C LEU A 25 -5.22 -6.09 -14.34
N LEU A 26 -4.00 -5.79 -14.80
CA LEU A 26 -3.58 -6.18 -16.14
C LEU A 26 -3.47 -7.71 -16.26
N SER A 27 -3.37 -8.38 -15.12
CA SER A 27 -3.27 -9.83 -15.11
C SER A 27 -4.63 -10.49 -15.31
N LYS A 28 -5.69 -9.75 -15.03
CA LYS A 28 -7.05 -10.25 -15.18
C LYS A 28 -7.53 -10.11 -16.63
N LYS A 29 -6.74 -9.44 -17.45
CA LYS A 29 -7.08 -9.23 -18.85
C LYS A 29 -6.71 -10.45 -19.68
N LYS A 30 -5.53 -11.01 -19.41
CA LYS A 30 -5.05 -12.17 -20.15
C LYS A 30 -5.69 -13.45 -19.61
N LYS A 1 11.11 8.05 18.69
CA LYS A 1 11.77 7.38 17.53
C LYS A 1 10.96 6.20 17.05
N LYS A 2 10.94 5.12 17.84
CA LYS A 2 10.19 3.92 17.51
C LYS A 2 8.69 4.18 17.57
N LYS A 3 8.26 4.95 18.56
CA LYS A 3 6.85 5.27 18.73
C LYS A 3 6.31 6.00 17.51
N LEU A 4 7.17 6.81 16.88
CA LEU A 4 6.78 7.57 15.70
C LEU A 4 6.92 6.73 14.43
N HIS A 5 7.89 5.82 14.45
CA HIS A 5 8.14 4.96 13.30
C HIS A 5 7.01 3.93 13.14
N PHE A 6 6.29 3.68 14.23
CA PHE A 6 5.20 2.74 14.22
C PHE A 6 4.00 3.31 13.45
N MET A 7 4.01 4.63 13.27
CA MET A 7 2.92 5.29 12.56
C MET A 7 3.11 5.20 11.05
N TYR A 8 4.35 4.99 10.63
CA TYR A 8 4.67 4.88 9.21
C TYR A 8 4.52 3.44 8.72
N VAL A 9 4.95 2.49 9.54
CA VAL A 9 4.87 1.07 9.19
C VAL A 9 3.44 0.66 8.84
N LEU A 10 2.47 1.27 9.52
CA LEU A 10 1.06 0.95 9.27
C LEU A 10 0.64 1.46 7.90
N LEU A 11 1.30 2.52 7.44
CA LEU A 11 0.99 3.11 6.14
C LEU A 11 1.32 2.12 5.02
N LEU A 12 2.40 1.37 5.20
CA LEU A 12 2.84 0.39 4.21
C LEU A 12 1.71 -0.56 3.83
N LEU A 13 0.95 -1.01 4.83
CA LEU A 13 -0.16 -1.92 4.58
C LEU A 13 -1.10 -1.38 3.53
N PHE A 14 -1.22 -0.05 3.48
CA PHE A 14 -2.09 0.60 2.51
C PHE A 14 -1.38 0.72 1.16
N VAL A 15 -0.06 0.83 1.20
CA VAL A 15 0.73 0.95 -0.02
C VAL A 15 0.65 -0.31 -0.86
N LEU A 16 0.87 -1.46 -0.23
CA LEU A 16 0.82 -2.75 -0.92
C LEU A 16 -0.51 -2.92 -1.64
N LEU A 17 -1.61 -2.68 -0.93
CA LEU A 17 -2.94 -2.80 -1.51
C LEU A 17 -3.18 -1.75 -2.60
N PHE A 18 -2.39 -0.68 -2.56
CA PHE A 18 -2.50 0.38 -3.54
C PHE A 18 -1.85 -0.02 -4.86
N PHE A 19 -0.74 -0.73 -4.78
CA PHE A 19 -0.02 -1.19 -5.97
C PHE A 19 -0.66 -2.43 -6.57
N VAL A 20 -0.89 -3.45 -5.73
CA VAL A 20 -1.49 -4.69 -6.18
C VAL A 20 -2.90 -4.46 -6.73
N GLY A 21 -3.52 -3.37 -6.28
CA GLY A 21 -4.87 -3.05 -6.74
C GLY A 21 -4.92 -2.75 -8.22
N CYS A 22 -3.95 -1.98 -8.69
CA CYS A 22 -3.88 -1.60 -10.10
C CYS A 22 -3.13 -2.66 -10.91
N GLY A 23 -2.36 -3.49 -10.21
CA GLY A 23 -1.60 -4.53 -10.87
C GLY A 23 -2.49 -5.61 -11.48
N VAL A 24 -3.50 -6.02 -10.73
CA VAL A 24 -4.43 -7.05 -11.20
C VAL A 24 -5.19 -6.57 -12.43
N LEU A 25 -5.41 -5.26 -12.52
CA LEU A 25 -6.14 -4.68 -13.64
C LEU A 25 -5.35 -4.84 -14.94
N LEU A 26 -4.02 -4.85 -14.82
CA LEU A 26 -3.16 -5.01 -15.99
C LEU A 26 -3.05 -6.48 -16.39
N SER A 27 -3.21 -7.37 -15.42
CA SER A 27 -3.13 -8.80 -15.68
C SER A 27 -4.32 -9.27 -16.51
N LYS A 28 -5.39 -8.48 -16.50
CA LYS A 28 -6.59 -8.82 -17.26
C LYS A 28 -6.30 -8.88 -18.75
N LYS A 29 -5.77 -7.78 -19.29
CA LYS A 29 -5.44 -7.70 -20.71
C LYS A 29 -4.02 -7.18 -20.93
N LYS A 30 -3.83 -5.89 -20.70
CA LYS A 30 -2.52 -5.27 -20.87
C LYS A 30 -2.17 -4.39 -19.68
N LYS A 1 12.60 6.68 19.84
CA LYS A 1 11.41 7.18 19.11
C LYS A 1 10.84 6.10 18.20
N LYS A 2 10.82 4.86 18.69
CA LYS A 2 10.29 3.73 17.93
C LYS A 2 8.82 3.93 17.60
N LYS A 3 8.13 4.73 18.43
CA LYS A 3 6.71 4.99 18.24
C LYS A 3 6.46 5.70 16.91
N LEU A 4 7.35 6.60 16.53
CA LEU A 4 7.23 7.35 15.28
C LEU A 4 7.26 6.41 14.08
N HIS A 5 8.16 5.43 14.12
CA HIS A 5 8.30 4.48 13.02
C HIS A 5 7.07 3.58 12.93
N PHE A 6 6.49 3.27 14.08
CA PHE A 6 5.31 2.41 14.14
C PHE A 6 4.09 3.11 13.53
N MET A 7 4.19 4.42 13.37
CA MET A 7 3.09 5.20 12.80
C MET A 7 3.15 5.20 11.27
N TYR A 8 4.36 5.01 10.74
CA TYR A 8 4.56 5.00 9.29
C TYR A 8 4.35 3.60 8.71
N VAL A 9 4.67 2.58 9.49
CA VAL A 9 4.53 1.19 9.03
C VAL A 9 3.08 0.87 8.68
N LEU A 10 2.13 1.48 9.40
CA LEU A 10 0.72 1.25 9.14
C LEU A 10 0.36 1.75 7.74
N LEU A 11 1.12 2.70 7.24
CA LEU A 11 0.90 3.27 5.91
C LEU A 11 1.30 2.26 4.85
N LEU A 12 2.41 1.55 5.08
CA LEU A 12 2.91 0.55 4.15
C LEU A 12 1.83 -0.45 3.79
N LEU A 13 1.01 -0.82 4.78
CA LEU A 13 -0.06 -1.78 4.55
C LEU A 13 -1.02 -1.29 3.47
N PHE A 14 -1.19 0.03 3.41
CA PHE A 14 -2.08 0.64 2.43
C PHE A 14 -1.39 0.75 1.07
N VAL A 15 -0.06 0.72 1.09
CA VAL A 15 0.73 0.82 -0.12
C VAL A 15 0.80 -0.53 -0.85
N LEU A 16 1.07 -1.58 -0.08
CA LEU A 16 1.17 -2.92 -0.64
C LEU A 16 -0.10 -3.32 -1.38
N LEU A 17 -1.22 -3.36 -0.66
CA LEU A 17 -2.51 -3.72 -1.24
C LEU A 17 -2.82 -2.90 -2.49
N PHE A 18 -2.16 -1.76 -2.64
CA PHE A 18 -2.38 -0.89 -3.80
C PHE A 18 -1.57 -1.35 -5.00
N PHE A 19 -0.31 -1.70 -4.78
CA PHE A 19 0.56 -2.14 -5.86
C PHE A 19 0.34 -3.61 -6.21
N VAL A 20 0.31 -4.47 -5.20
CA VAL A 20 0.10 -5.90 -5.41
C VAL A 20 -1.13 -6.17 -6.26
N GLY A 21 -2.08 -5.24 -6.24
CA GLY A 21 -3.30 -5.41 -7.01
C GLY A 21 -3.05 -5.41 -8.51
N CYS A 22 -2.22 -4.48 -8.96
CA CYS A 22 -1.89 -4.38 -10.39
C CYS A 22 -0.70 -5.27 -10.73
N GLY A 23 0.04 -5.68 -9.71
CA GLY A 23 1.21 -6.52 -9.94
C GLY A 23 0.85 -7.95 -10.29
N VAL A 24 -0.29 -8.43 -9.81
CA VAL A 24 -0.74 -9.79 -10.10
C VAL A 24 -1.14 -9.95 -11.55
N LEU A 25 -1.56 -8.85 -12.17
CA LEU A 25 -1.98 -8.88 -13.57
C LEU A 25 -0.78 -9.02 -14.50
N LEU A 26 0.28 -8.27 -14.22
CA LEU A 26 1.49 -8.31 -15.03
C LEU A 26 2.35 -9.52 -14.68
N SER A 27 2.13 -10.07 -13.49
CA SER A 27 2.89 -11.23 -13.03
C SER A 27 2.60 -12.45 -13.91
N LYS A 28 1.32 -12.65 -14.24
CA LYS A 28 0.91 -13.77 -15.07
C LYS A 28 0.97 -13.42 -16.55
N LYS A 29 0.41 -12.25 -16.90
CA LYS A 29 0.40 -11.79 -18.28
C LYS A 29 -0.10 -12.90 -19.22
N LYS A 30 -1.30 -13.39 -18.94
CA LYS A 30 -1.90 -14.45 -19.75
C LYS A 30 -3.22 -13.99 -20.37
N LYS A 1 11.67 7.80 18.97
CA LYS A 1 12.32 7.43 17.69
C LYS A 1 11.61 6.25 17.03
N LYS A 2 11.49 5.15 17.78
CA LYS A 2 10.83 3.96 17.28
C LYS A 2 9.32 4.08 17.37
N LYS A 3 8.86 4.92 18.29
CA LYS A 3 7.43 5.14 18.49
C LYS A 3 6.83 5.86 17.28
N LEU A 4 7.58 6.83 16.76
CA LEU A 4 7.13 7.59 15.59
C LEU A 4 7.22 6.75 14.33
N HIS A 5 8.19 5.85 14.29
CA HIS A 5 8.38 4.98 13.14
C HIS A 5 7.24 3.97 13.03
N PHE A 6 6.63 3.65 14.17
CA PHE A 6 5.53 2.70 14.21
C PHE A 6 4.28 3.31 13.58
N MET A 7 4.28 4.63 13.41
CA MET A 7 3.15 5.33 12.82
C MET A 7 3.19 5.25 11.30
N TYR A 8 4.39 5.07 10.76
CA TYR A 8 4.57 4.99 9.31
C TYR A 8 4.39 3.56 8.80
N VAL A 9 4.80 2.58 9.60
CA VAL A 9 4.69 1.17 9.21
C VAL A 9 3.25 0.79 8.87
N LEU A 10 2.29 1.41 9.56
CA LEU A 10 0.87 1.12 9.33
C LEU A 10 0.47 1.57 7.92
N LEU A 11 1.20 2.53 7.38
CA LEU A 11 0.92 3.05 6.05
C LEU A 11 1.34 2.04 4.98
N LEU A 12 2.46 1.37 5.21
CA LEU A 12 2.97 0.37 4.28
C LEU A 12 1.89 -0.64 3.89
N LEU A 13 1.06 -1.01 4.86
CA LEU A 13 -0.01 -1.98 4.62
C LEU A 13 -0.93 -1.49 3.50
N PHE A 14 -1.20 -0.19 3.48
CA PHE A 14 -2.05 0.41 2.47
C PHE A 14 -1.33 0.47 1.12
N VAL A 15 0.00 0.58 1.18
CA VAL A 15 0.82 0.65 -0.02
C VAL A 15 0.83 -0.69 -0.74
N LEU A 16 0.61 -1.77 0.02
CA LEU A 16 0.60 -3.12 -0.54
C LEU A 16 -0.45 -3.25 -1.63
N LEU A 17 -1.67 -2.79 -1.33
CA LEU A 17 -2.77 -2.86 -2.28
C LEU A 17 -2.47 -2.06 -3.54
N PHE A 18 -1.53 -1.13 -3.45
CA PHE A 18 -1.14 -0.30 -4.58
C PHE A 18 -0.19 -1.04 -5.52
N PHE A 19 0.79 -1.73 -4.95
CA PHE A 19 1.78 -2.47 -5.74
C PHE A 19 1.19 -3.76 -6.32
N VAL A 20 0.27 -4.38 -5.58
CA VAL A 20 -0.35 -5.62 -6.04
C VAL A 20 -1.37 -5.35 -7.14
N GLY A 21 -1.87 -4.11 -7.17
CA GLY A 21 -2.86 -3.75 -8.18
C GLY A 21 -2.25 -3.36 -9.51
N CYS A 22 -1.06 -2.76 -9.46
CA CYS A 22 -0.36 -2.34 -10.66
C CYS A 22 0.50 -3.47 -11.22
N GLY A 23 0.97 -4.35 -10.33
CA GLY A 23 1.80 -5.46 -10.75
C GLY A 23 1.04 -6.51 -11.53
N VAL A 24 -0.22 -6.73 -11.15
CA VAL A 24 -1.05 -7.72 -11.82
C VAL A 24 -1.31 -7.33 -13.27
N LEU A 25 -1.29 -6.04 -13.55
CA LEU A 25 -1.51 -5.53 -14.90
C LEU A 25 -0.40 -5.97 -15.84
N LEU A 26 0.80 -6.14 -15.28
CA LEU A 26 1.96 -6.56 -16.07
C LEU A 26 1.85 -8.04 -16.45
N SER A 27 1.18 -8.82 -15.61
CA SER A 27 1.02 -10.24 -15.86
C SER A 27 -0.01 -10.49 -16.97
N LYS A 28 -0.88 -9.52 -17.19
CA LYS A 28 -1.92 -9.63 -18.21
C LYS A 28 -1.38 -9.23 -19.59
N LYS A 29 -0.36 -8.39 -19.59
CA LYS A 29 0.25 -7.92 -20.84
C LYS A 29 1.56 -8.66 -21.12
N LYS A 30 2.56 -8.39 -20.29
CA LYS A 30 3.88 -9.02 -20.46
C LYS A 30 4.24 -9.88 -19.24
N LYS A 1 9.85 8.18 20.45
CA LYS A 1 10.81 8.00 19.33
C LYS A 1 10.44 6.79 18.48
N LYS A 2 10.60 5.60 19.05
CA LYS A 2 10.27 4.37 18.36
C LYS A 2 8.79 4.30 18.02
N LYS A 3 7.99 5.04 18.77
CA LYS A 3 6.54 5.07 18.56
C LYS A 3 6.19 5.89 17.33
N LEU A 4 7.06 6.84 16.98
CA LEU A 4 6.84 7.69 15.82
C LEU A 4 7.00 6.91 14.52
N HIS A 5 7.82 5.87 14.57
CA HIS A 5 8.07 5.03 13.40
C HIS A 5 6.97 3.99 13.23
N PHE A 6 6.34 3.62 14.34
CA PHE A 6 5.27 2.63 14.32
C PHE A 6 4.04 3.19 13.59
N MET A 7 4.01 4.51 13.41
CA MET A 7 2.90 5.15 12.73
C MET A 7 3.07 5.07 11.22
N TYR A 8 4.32 4.91 10.76
CA TYR A 8 4.61 4.82 9.34
C TYR A 8 4.51 3.39 8.84
N VAL A 9 4.92 2.44 9.68
CA VAL A 9 4.87 1.02 9.31
C VAL A 9 3.45 0.58 8.94
N LEU A 10 2.45 1.25 9.53
CA LEU A 10 1.05 0.93 9.25
C LEU A 10 0.66 1.43 7.86
N LEU A 11 1.34 2.47 7.40
CA LEU A 11 1.07 3.05 6.09
C LEU A 11 1.45 2.07 4.98
N LEU A 12 2.50 1.30 5.21
CA LEU A 12 2.98 0.32 4.23
C LEU A 12 1.85 -0.64 3.84
N LEU A 13 1.01 -0.99 4.80
CA LEU A 13 -0.10 -1.90 4.53
C LEU A 13 -1.04 -1.31 3.49
N PHE A 14 -1.12 0.02 3.45
CA PHE A 14 -1.96 0.72 2.50
C PHE A 14 -1.28 0.84 1.14
N VAL A 15 0.05 0.79 1.16
CA VAL A 15 0.84 0.89 -0.06
C VAL A 15 0.74 -0.39 -0.88
N LEU A 16 0.78 -1.54 -0.19
CA LEU A 16 0.69 -2.83 -0.86
C LEU A 16 -0.58 -2.95 -1.68
N LEU A 17 -1.73 -2.80 -1.03
CA LEU A 17 -3.02 -2.90 -1.69
C LEU A 17 -3.18 -1.81 -2.75
N PHE A 18 -2.43 -0.72 -2.59
CA PHE A 18 -2.50 0.39 -3.54
C PHE A 18 -1.92 0.01 -4.89
N PHE A 19 -0.76 -0.65 -4.87
CA PHE A 19 -0.09 -1.06 -6.10
C PHE A 19 -0.75 -2.30 -6.70
N VAL A 20 -0.82 -3.37 -5.92
CA VAL A 20 -1.43 -4.61 -6.40
C VAL A 20 -2.88 -4.39 -6.82
N GLY A 21 -3.51 -3.36 -6.26
CA GLY A 21 -4.88 -3.05 -6.60
C GLY A 21 -5.04 -2.59 -8.04
N CYS A 22 -4.12 -1.74 -8.49
CA CYS A 22 -4.16 -1.23 -9.85
C CYS A 22 -3.43 -2.15 -10.80
N GLY A 23 -2.56 -3.01 -10.25
CA GLY A 23 -1.81 -3.94 -11.07
C GLY A 23 -2.57 -5.19 -11.42
N VAL A 24 -3.61 -5.50 -10.65
CA VAL A 24 -4.42 -6.68 -10.89
C VAL A 24 -5.02 -6.66 -12.29
N LEU A 25 -5.21 -5.46 -12.84
CA LEU A 25 -5.77 -5.30 -14.17
C LEU A 25 -4.74 -5.65 -15.23
N LEU A 26 -3.48 -5.28 -14.98
CA LEU A 26 -2.40 -5.56 -15.92
C LEU A 26 -2.12 -7.06 -16.00
N SER A 27 -2.29 -7.75 -14.87
CA SER A 27 -2.04 -9.19 -14.80
C SER A 27 -3.24 -9.96 -15.35
N LYS A 28 -4.37 -9.29 -15.47
CA LYS A 28 -5.58 -9.92 -15.97
C LYS A 28 -5.40 -10.38 -17.42
N LYS A 29 -4.83 -9.49 -18.24
CA LYS A 29 -4.59 -9.81 -19.65
C LYS A 29 -3.47 -8.94 -20.22
N LYS A 30 -3.78 -7.67 -20.46
CA LYS A 30 -2.80 -6.73 -21.00
C LYS A 30 -2.96 -5.35 -20.39
N LYS A 1 10.87 8.25 20.12
CA LYS A 1 11.30 8.40 18.70
C LYS A 1 10.82 7.22 17.85
N LYS A 2 10.83 6.03 18.45
CA LYS A 2 10.39 4.82 17.76
C LYS A 2 8.90 4.87 17.49
N LYS A 3 8.17 5.63 18.29
CA LYS A 3 6.73 5.76 18.13
C LYS A 3 6.40 6.37 16.77
N LEU A 4 7.31 7.19 16.26
CA LEU A 4 7.11 7.84 14.97
C LEU A 4 7.09 6.83 13.83
N HIS A 5 7.83 5.73 14.02
CA HIS A 5 7.89 4.68 13.00
C HIS A 5 6.65 3.79 13.05
N PHE A 6 6.09 3.61 14.23
CA PHE A 6 4.89 2.78 14.40
C PHE A 6 3.71 3.40 13.67
N MET A 7 3.82 4.66 13.30
CA MET A 7 2.75 5.36 12.59
C MET A 7 2.92 5.22 11.08
N TYR A 8 4.16 5.04 10.63
CA TYR A 8 4.45 4.90 9.20
C TYR A 8 4.34 3.46 8.75
N VAL A 9 4.66 2.53 9.65
CA VAL A 9 4.61 1.10 9.31
C VAL A 9 3.19 0.67 8.95
N LEU A 10 2.20 1.16 9.68
CA LEU A 10 0.81 0.83 9.42
C LEU A 10 0.39 1.37 8.05
N LEU A 11 1.14 2.34 7.56
CA LEU A 11 0.86 2.96 6.26
C LEU A 11 1.34 2.06 5.13
N LEU A 12 2.45 1.35 5.36
CA LEU A 12 3.01 0.45 4.35
C LEU A 12 1.98 -0.57 3.89
N LEU A 13 1.16 -1.04 4.82
CA LEU A 13 0.13 -2.03 4.50
C LEU A 13 -0.78 -1.51 3.39
N PHE A 14 -0.98 -0.20 3.37
CA PHE A 14 -1.82 0.43 2.36
C PHE A 14 -1.03 0.67 1.07
N VAL A 15 0.27 0.84 1.21
CA VAL A 15 1.15 1.07 0.07
C VAL A 15 1.14 -0.12 -0.89
N LEU A 16 1.06 -1.32 -0.32
CA LEU A 16 1.04 -2.54 -1.11
C LEU A 16 -0.12 -2.52 -2.10
N LEU A 17 -1.34 -2.42 -1.58
CA LEU A 17 -2.54 -2.39 -2.40
C LEU A 17 -2.56 -1.18 -3.33
N PHE A 18 -1.77 -0.17 -2.99
CA PHE A 18 -1.69 1.06 -3.78
C PHE A 18 -1.04 0.79 -5.15
N PHE A 19 0.10 0.12 -5.13
CA PHE A 19 0.82 -0.19 -6.37
C PHE A 19 0.23 -1.39 -7.10
N VAL A 20 0.07 -2.51 -6.39
CA VAL A 20 -0.48 -3.72 -6.98
C VAL A 20 -1.92 -3.51 -7.43
N GLY A 21 -2.58 -2.50 -6.86
CA GLY A 21 -3.95 -2.21 -7.22
C GLY A 21 -4.08 -1.56 -8.58
N CYS A 22 -3.23 -0.58 -8.85
CA CYS A 22 -3.25 0.13 -10.13
C CYS A 22 -2.54 -0.69 -11.21
N GLY A 23 -1.70 -1.63 -10.79
CA GLY A 23 -0.98 -2.46 -11.72
C GLY A 23 -1.88 -3.46 -12.44
N VAL A 24 -2.67 -4.20 -11.66
CA VAL A 24 -3.58 -5.20 -12.23
C VAL A 24 -4.65 -4.53 -13.09
N LEU A 25 -4.95 -3.27 -12.79
CA LEU A 25 -5.96 -2.53 -13.54
C LEU A 25 -5.59 -2.46 -15.02
N LEU A 26 -4.37 -2.01 -15.30
CA LEU A 26 -3.90 -1.90 -16.67
C LEU A 26 -3.55 -3.27 -17.24
N SER A 27 -3.15 -4.18 -16.37
CA SER A 27 -2.79 -5.54 -16.79
C SER A 27 -3.99 -6.28 -17.35
N LYS A 28 -5.19 -5.83 -16.96
CA LYS A 28 -6.42 -6.44 -17.43
C LYS A 28 -6.68 -6.10 -18.90
N LYS A 29 -6.00 -5.07 -19.38
CA LYS A 29 -6.14 -4.63 -20.76
C LYS A 29 -5.05 -5.21 -21.65
N LYS A 30 -4.81 -6.51 -21.51
CA LYS A 30 -3.79 -7.20 -22.30
C LYS A 30 -4.42 -8.20 -23.26
N LYS A 1 8.97 10.28 19.07
CA LYS A 1 9.95 9.82 18.05
C LYS A 1 9.71 8.35 17.69
N LYS A 2 9.64 7.51 18.71
CA LYS A 2 9.40 6.08 18.50
C LYS A 2 7.98 5.83 18.04
N LYS A 3 7.06 6.70 18.45
CA LYS A 3 5.66 6.57 18.07
C LYS A 3 5.45 6.90 16.60
N LEU A 4 6.32 7.75 16.06
CA LEU A 4 6.23 8.16 14.67
C LEU A 4 6.50 6.98 13.73
N HIS A 5 7.45 6.14 14.12
CA HIS A 5 7.82 4.98 13.31
C HIS A 5 6.65 4.00 13.19
N PHE A 6 5.98 3.74 14.31
CA PHE A 6 4.85 2.82 14.33
C PHE A 6 3.72 3.33 13.45
N MET A 7 3.71 4.63 13.20
CA MET A 7 2.67 5.24 12.36
C MET A 7 2.98 5.07 10.89
N TYR A 8 4.26 4.92 10.56
CA TYR A 8 4.68 4.76 9.17
C TYR A 8 4.66 3.29 8.76
N VAL A 9 4.99 2.41 9.69
CA VAL A 9 5.02 0.97 9.40
C VAL A 9 3.65 0.47 8.97
N LEU A 10 2.58 1.09 9.49
CA LEU A 10 1.22 0.70 9.15
C LEU A 10 0.86 1.21 7.76
N LEU A 11 1.59 2.23 7.31
CA LEU A 11 1.36 2.82 5.99
C LEU A 11 1.78 1.85 4.89
N LEU A 12 2.89 1.15 5.11
CA LEU A 12 3.40 0.18 4.13
C LEU A 12 2.32 -0.80 3.71
N LEU A 13 1.60 -1.36 4.68
CA LEU A 13 0.53 -2.31 4.38
C LEU A 13 -0.53 -1.66 3.50
N PHE A 14 -0.71 -0.36 3.67
CA PHE A 14 -1.68 0.39 2.89
C PHE A 14 -1.16 0.61 1.47
N VAL A 15 0.16 0.69 1.34
CA VAL A 15 0.79 0.90 0.04
C VAL A 15 0.49 -0.25 -0.89
N LEU A 16 0.34 -1.45 -0.33
CA LEU A 16 0.05 -2.64 -1.11
C LEU A 16 -1.30 -2.51 -1.80
N LEU A 17 -2.34 -2.22 -1.02
CA LEU A 17 -3.68 -2.07 -1.56
C LEU A 17 -3.83 -0.79 -2.38
N PHE A 18 -2.98 0.20 -2.10
CA PHE A 18 -3.02 1.47 -2.81
C PHE A 18 -2.57 1.30 -4.26
N PHE A 19 -1.41 0.66 -4.45
CA PHE A 19 -0.87 0.43 -5.78
C PHE A 19 -1.76 -0.49 -6.61
N VAL A 20 -2.01 -1.69 -6.08
CA VAL A 20 -2.85 -2.66 -6.77
C VAL A 20 -4.25 -2.11 -7.00
N GLY A 21 -4.73 -1.30 -6.07
CA GLY A 21 -6.06 -0.72 -6.18
C GLY A 21 -6.07 0.53 -7.05
N CYS A 22 -4.89 1.08 -7.32
CA CYS A 22 -4.78 2.28 -8.13
C CYS A 22 -5.05 1.97 -9.60
N GLY A 23 -4.98 0.69 -9.95
CA GLY A 23 -5.22 0.26 -11.31
C GLY A 23 -6.63 0.54 -11.78
N VAL A 24 -7.61 0.29 -10.91
CA VAL A 24 -9.01 0.52 -11.24
C VAL A 24 -9.36 2.00 -11.17
N LEU A 25 -8.63 2.74 -10.33
CA LEU A 25 -8.86 4.17 -10.17
C LEU A 25 -8.66 4.91 -11.49
N LEU A 26 -7.60 4.57 -12.20
CA LEU A 26 -7.30 5.21 -13.48
C LEU A 26 -8.24 4.70 -14.57
N SER A 27 -8.64 3.44 -14.48
CA SER A 27 -9.54 2.85 -15.45
C SER A 27 -10.98 3.31 -15.23
N LYS A 28 -11.22 3.89 -14.05
CA LYS A 28 -12.55 4.39 -13.71
C LYS A 28 -12.94 5.56 -14.61
N LYS A 29 -12.11 6.60 -14.61
CA LYS A 29 -12.36 7.78 -15.43
C LYS A 29 -11.07 8.28 -16.08
N LYS A 30 -10.16 8.79 -15.26
CA LYS A 30 -8.88 9.30 -15.76
C LYS A 30 -7.71 8.70 -14.97
N LYS A 1 8.35 9.87 19.81
CA LYS A 1 9.41 9.53 18.84
C LYS A 1 9.22 8.12 18.30
N LYS A 2 8.97 7.17 19.20
CA LYS A 2 8.76 5.78 18.81
C LYS A 2 7.44 5.62 18.06
N LYS A 3 6.50 6.51 18.33
CA LYS A 3 5.19 6.49 17.69
C LYS A 3 5.29 6.92 16.23
N LEU A 4 6.31 7.73 15.93
CA LEU A 4 6.51 8.23 14.58
C LEU A 4 6.72 7.09 13.59
N HIS A 5 7.55 6.13 13.98
CA HIS A 5 7.85 4.98 13.13
C HIS A 5 6.70 3.96 13.15
N PHE A 6 6.01 3.88 14.27
CA PHE A 6 4.90 2.95 14.42
C PHE A 6 3.70 3.40 13.59
N MET A 7 3.66 4.69 13.26
CA MET A 7 2.57 5.24 12.47
C MET A 7 2.83 5.05 10.96
N TYR A 8 4.09 4.93 10.59
CA TYR A 8 4.46 4.76 9.19
C TYR A 8 4.46 3.29 8.79
N VAL A 9 4.87 2.43 9.71
CA VAL A 9 4.91 0.99 9.45
C VAL A 9 3.54 0.46 9.06
N LEU A 10 2.50 1.04 9.64
CA LEU A 10 1.13 0.62 9.34
C LEU A 10 0.71 1.13 7.96
N LEU A 11 1.42 2.14 7.48
CA LEU A 11 1.14 2.72 6.17
C LEU A 11 1.58 1.77 5.05
N LEU A 12 2.64 1.01 5.33
CA LEU A 12 3.16 0.05 4.35
C LEU A 12 2.06 -0.90 3.87
N LEU A 13 1.12 -1.19 4.75
CA LEU A 13 0.00 -2.07 4.41
C LEU A 13 -0.92 -1.39 3.41
N PHE A 14 -1.02 -0.07 3.52
CA PHE A 14 -1.87 0.72 2.61
C PHE A 14 -1.21 0.85 1.24
N VAL A 15 0.12 0.92 1.24
CA VAL A 15 0.88 1.05 0.00
C VAL A 15 0.61 -0.13 -0.94
N LEU A 16 0.52 -1.33 -0.37
CA LEU A 16 0.25 -2.53 -1.16
C LEU A 16 -1.04 -2.37 -1.96
N LEU A 17 -2.14 -2.16 -1.25
CA LEU A 17 -3.45 -2.00 -1.88
C LEU A 17 -3.45 -0.83 -2.87
N PHE A 18 -2.54 0.11 -2.66
CA PHE A 18 -2.45 1.28 -3.53
C PHE A 18 -1.90 0.90 -4.90
N PHE A 19 -0.89 0.04 -4.92
CA PHE A 19 -0.28 -0.39 -6.17
C PHE A 19 -1.09 -1.49 -6.84
N VAL A 20 -1.35 -2.57 -6.12
CA VAL A 20 -2.11 -3.70 -6.65
C VAL A 20 -3.50 -3.26 -7.11
N GLY A 21 -4.04 -2.23 -6.45
CA GLY A 21 -5.35 -1.73 -6.79
C GLY A 21 -5.33 -0.75 -7.95
N CYS A 22 -4.17 -0.15 -8.19
CA CYS A 22 -4.01 0.82 -9.27
C CYS A 22 -3.83 0.12 -10.61
N GLY A 23 -3.35 -1.12 -10.58
CA GLY A 23 -3.14 -1.87 -11.80
C GLY A 23 -4.40 -2.04 -12.61
N VAL A 24 -5.45 -2.54 -11.98
CA VAL A 24 -6.73 -2.76 -12.65
C VAL A 24 -7.32 -1.43 -13.16
N LEU A 25 -6.97 -0.34 -12.50
CA LEU A 25 -7.47 0.97 -12.87
C LEU A 25 -6.83 1.46 -14.16
N LEU A 26 -5.65 0.95 -14.47
CA LEU A 26 -4.94 1.34 -15.68
C LEU A 26 -5.67 0.85 -16.94
N SER A 27 -6.37 -0.28 -16.81
CA SER A 27 -7.10 -0.84 -17.93
C SER A 27 -8.29 0.05 -18.31
N LYS A 28 -8.76 0.83 -17.35
CA LYS A 28 -9.88 1.73 -17.58
C LYS A 28 -9.45 2.99 -18.32
N LYS A 29 -8.15 3.09 -18.59
CA LYS A 29 -7.61 4.25 -19.29
C LYS A 29 -7.20 3.91 -20.71
N LYS A 30 -7.70 2.78 -21.22
CA LYS A 30 -7.39 2.35 -22.59
C LYS A 30 -8.66 1.94 -23.33
N LYS A 1 11.05 7.23 19.69
CA LYS A 1 11.46 7.12 18.27
C LYS A 1 10.68 6.02 17.56
N LYS A 2 10.56 4.87 18.22
CA LYS A 2 9.82 3.74 17.66
C LYS A 2 8.35 4.09 17.47
N LYS A 3 7.82 4.93 18.35
CA LYS A 3 6.43 5.35 18.28
C LYS A 3 6.16 6.12 17.00
N LEU A 4 7.18 6.79 16.48
CA LEU A 4 7.05 7.57 15.25
C LEU A 4 7.12 6.67 14.03
N HIS A 5 8.05 5.72 14.05
CA HIS A 5 8.23 4.79 12.95
C HIS A 5 7.08 3.79 12.88
N PHE A 6 6.43 3.57 14.03
CA PHE A 6 5.31 2.63 14.10
C PHE A 6 4.08 3.22 13.43
N MET A 7 4.09 4.54 13.25
CA MET A 7 2.97 5.23 12.62
C MET A 7 3.07 5.14 11.10
N TYR A 8 4.29 4.91 10.60
CA TYR A 8 4.52 4.82 9.17
C TYR A 8 4.32 3.37 8.68
N VAL A 9 4.72 2.40 9.50
CA VAL A 9 4.59 1.00 9.14
C VAL A 9 3.13 0.64 8.84
N LEU A 10 2.21 1.26 9.56
CA LEU A 10 0.78 1.00 9.34
C LEU A 10 0.35 1.54 7.98
N LEU A 11 1.06 2.56 7.51
CA LEU A 11 0.76 3.17 6.22
C LEU A 11 1.12 2.22 5.09
N LEU A 12 2.20 1.45 5.30
CA LEU A 12 2.64 0.49 4.29
C LEU A 12 1.53 -0.48 3.92
N LEU A 13 0.69 -0.83 4.90
CA LEU A 13 -0.42 -1.74 4.65
C LEU A 13 -1.31 -1.22 3.54
N PHE A 14 -1.40 0.11 3.43
CA PHE A 14 -2.21 0.75 2.41
C PHE A 14 -1.45 0.86 1.09
N VAL A 15 -0.13 0.98 1.17
CA VAL A 15 0.71 1.10 -0.01
C VAL A 15 0.84 -0.22 -0.75
N LEU A 16 1.18 -1.28 -0.02
CA LEU A 16 1.35 -2.60 -0.61
C LEU A 16 0.12 -3.01 -1.42
N LEU A 17 -1.07 -2.80 -0.85
CA LEU A 17 -2.31 -3.15 -1.52
C LEU A 17 -2.46 -2.39 -2.83
N PHE A 18 -1.75 -1.27 -2.96
CA PHE A 18 -1.79 -0.46 -4.17
C PHE A 18 -0.82 -0.99 -5.22
N PHE A 19 0.31 -1.52 -4.77
CA PHE A 19 1.32 -2.05 -5.67
C PHE A 19 0.95 -3.45 -6.15
N VAL A 20 0.23 -4.20 -5.31
CA VAL A 20 -0.17 -5.55 -5.66
C VAL A 20 -1.46 -5.55 -6.49
N GLY A 21 -2.22 -4.46 -6.39
CA GLY A 21 -3.46 -4.36 -7.13
C GLY A 21 -3.24 -4.18 -8.62
N CYS A 22 -2.13 -3.55 -8.99
CA CYS A 22 -1.81 -3.33 -10.40
C CYS A 22 -1.25 -4.60 -11.04
N GLY A 23 -0.80 -5.53 -10.20
CA GLY A 23 -0.25 -6.77 -10.70
C GLY A 23 -1.30 -7.77 -11.13
N VAL A 24 -2.38 -7.86 -10.34
CA VAL A 24 -3.47 -8.79 -10.65
C VAL A 24 -4.30 -8.30 -11.83
N LEU A 25 -4.34 -6.98 -12.02
CA LEU A 25 -5.10 -6.39 -13.12
C LEU A 25 -4.55 -6.81 -14.47
N LEU A 26 -3.22 -6.90 -14.56
CA LEU A 26 -2.56 -7.29 -15.80
C LEU A 26 -2.86 -8.75 -16.14
N SER A 27 -3.13 -9.56 -15.11
CA SER A 27 -3.43 -10.97 -15.30
C SER A 27 -4.74 -11.16 -16.05
N LYS A 28 -5.52 -10.09 -16.14
CA LYS A 28 -6.80 -10.13 -16.84
C LYS A 28 -6.66 -10.71 -18.24
N LYS A 29 -5.79 -10.11 -19.05
CA LYS A 29 -5.58 -10.56 -20.42
C LYS A 29 -4.18 -11.17 -20.59
N LYS A 30 -3.19 -10.55 -19.96
CA LYS A 30 -1.82 -11.04 -20.04
C LYS A 30 -1.63 -12.32 -19.24
N LYS A 1 8.69 9.72 20.54
CA LYS A 1 9.38 9.68 19.24
C LYS A 1 9.30 8.29 18.62
N LYS A 2 9.10 7.29 19.46
CA LYS A 2 9.00 5.90 19.00
C LYS A 2 7.64 5.62 18.37
N LYS A 3 6.61 6.31 18.86
CA LYS A 3 5.26 6.14 18.35
C LYS A 3 5.16 6.64 16.91
N LEU A 4 6.06 7.54 16.53
CA LEU A 4 6.06 8.10 15.18
C LEU A 4 6.39 7.03 14.14
N HIS A 5 7.35 6.16 14.47
CA HIS A 5 7.77 5.11 13.57
C HIS A 5 6.66 4.09 13.35
N PHE A 6 5.85 3.88 14.39
CA PHE A 6 4.75 2.92 14.33
C PHE A 6 3.64 3.44 13.41
N MET A 7 3.68 4.73 13.11
CA MET A 7 2.66 5.34 12.24
C MET A 7 2.99 5.12 10.77
N TYR A 8 4.28 4.97 10.46
CA TYR A 8 4.71 4.77 9.08
C TYR A 8 4.67 3.29 8.70
N VAL A 9 4.96 2.42 9.67
CA VAL A 9 4.97 0.98 9.41
C VAL A 9 3.60 0.48 8.94
N LEU A 10 2.55 1.20 9.36
CA LEU A 10 1.19 0.84 8.96
C LEU A 10 0.88 1.35 7.56
N LEU A 11 1.65 2.35 7.13
CA LEU A 11 1.48 2.94 5.80
C LEU A 11 1.82 1.93 4.72
N LEU A 12 2.87 1.16 4.94
CA LEU A 12 3.31 0.15 3.98
C LEU A 12 2.16 -0.78 3.60
N LEU A 13 1.49 -1.33 4.61
CA LEU A 13 0.36 -2.23 4.38
C LEU A 13 -0.71 -1.55 3.53
N PHE A 14 -0.75 -0.22 3.60
CA PHE A 14 -1.72 0.55 2.84
C PHE A 14 -1.26 0.73 1.40
N VAL A 15 0.06 0.83 1.22
CA VAL A 15 0.64 1.00 -0.11
C VAL A 15 0.28 -0.17 -1.02
N LEU A 16 0.37 -1.38 -0.47
CA LEU A 16 0.06 -2.59 -1.23
C LEU A 16 -1.36 -2.54 -1.78
N LEU A 17 -2.35 -2.40 -0.90
CA LEU A 17 -3.74 -2.34 -1.32
C LEU A 17 -4.02 -1.07 -2.13
N PHE A 18 -3.16 -0.07 -1.98
CA PHE A 18 -3.32 1.19 -2.70
C PHE A 18 -3.10 0.99 -4.20
N PHE A 19 -2.00 0.33 -4.56
CA PHE A 19 -1.68 0.10 -5.97
C PHE A 19 -2.66 -0.88 -6.60
N VAL A 20 -2.79 -2.07 -6.02
CA VAL A 20 -3.70 -3.08 -6.54
C VAL A 20 -5.15 -2.62 -6.44
N GLY A 21 -5.40 -1.66 -5.56
CA GLY A 21 -6.74 -1.15 -5.38
C GLY A 21 -7.13 -0.12 -6.42
N CYS A 22 -6.13 0.39 -7.14
CA CYS A 22 -6.38 1.40 -8.18
C CYS A 22 -7.37 0.90 -9.21
N GLY A 23 -7.55 -0.41 -9.28
CA GLY A 23 -8.48 -0.99 -10.24
C GLY A 23 -9.92 -0.83 -9.81
N VAL A 24 -10.21 -1.11 -8.54
CA VAL A 24 -11.56 -1.01 -8.01
C VAL A 24 -11.91 0.43 -7.64
N LEU A 25 -10.89 1.23 -7.34
CA LEU A 25 -11.10 2.62 -6.97
C LEU A 25 -11.35 3.50 -8.20
N LEU A 26 -10.48 3.39 -9.19
CA LEU A 26 -10.61 4.18 -10.42
C LEU A 26 -11.82 3.73 -11.24
N SER A 27 -12.24 2.48 -11.06
CA SER A 27 -13.38 1.96 -11.80
C SER A 27 -14.62 2.81 -11.55
N LYS A 28 -14.76 3.30 -10.33
CA LYS A 28 -15.90 4.15 -9.97
C LYS A 28 -15.63 5.61 -10.32
N LYS A 29 -14.38 6.03 -10.14
CA LYS A 29 -13.99 7.40 -10.44
C LYS A 29 -13.53 7.53 -11.89
N LYS A 30 -14.42 7.20 -12.82
CA LYS A 30 -14.12 7.27 -14.24
C LYS A 30 -12.91 6.40 -14.59
N LYS A 1 11.34 8.12 19.42
CA LYS A 1 11.25 8.15 17.93
C LYS A 1 10.55 6.91 17.41
N LYS A 2 10.80 5.77 18.06
CA LYS A 2 10.20 4.51 17.67
C LYS A 2 8.67 4.58 17.76
N LYS A 3 8.18 5.47 18.61
CA LYS A 3 6.75 5.63 18.80
C LYS A 3 6.11 6.27 17.55
N LEU A 4 6.89 7.07 16.84
CA LEU A 4 6.41 7.72 15.63
C LEU A 4 6.56 6.82 14.41
N HIS A 5 7.53 5.91 14.47
CA HIS A 5 7.79 4.99 13.36
C HIS A 5 6.67 3.96 13.24
N PHE A 6 6.02 3.66 14.36
CA PHE A 6 4.94 2.68 14.39
C PHE A 6 3.75 3.17 13.55
N MET A 7 3.72 4.47 13.29
CA MET A 7 2.64 5.07 12.51
C MET A 7 2.96 5.01 11.01
N TYR A 8 4.24 4.86 10.69
CA TYR A 8 4.68 4.78 9.31
C TYR A 8 4.65 3.34 8.82
N VAL A 9 5.04 2.42 9.68
CA VAL A 9 5.06 1.00 9.34
C VAL A 9 3.67 0.52 8.92
N LEU A 10 2.64 1.17 9.45
CA LEU A 10 1.27 0.81 9.12
C LEU A 10 0.87 1.38 7.76
N LEU A 11 1.56 2.43 7.34
CA LEU A 11 1.29 3.07 6.05
C LEU A 11 1.58 2.10 4.90
N LEU A 12 2.64 1.31 5.05
CA LEU A 12 3.02 0.34 4.03
C LEU A 12 1.88 -0.62 3.73
N LEU A 13 1.06 -0.91 4.75
CA LEU A 13 -0.08 -1.80 4.58
C LEU A 13 -1.06 -1.22 3.57
N PHE A 14 -1.13 0.10 3.53
CA PHE A 14 -2.03 0.80 2.61
C PHE A 14 -1.38 0.94 1.23
N VAL A 15 -0.05 0.86 1.20
CA VAL A 15 0.69 0.97 -0.04
C VAL A 15 0.54 -0.29 -0.90
N LEU A 16 0.69 -1.45 -0.27
CA LEU A 16 0.58 -2.73 -0.97
C LEU A 16 -0.77 -2.84 -1.69
N LEU A 17 -1.86 -2.83 -0.92
CA LEU A 17 -3.19 -2.95 -1.48
C LEU A 17 -3.43 -1.95 -2.61
N PHE A 18 -2.68 -0.86 -2.59
CA PHE A 18 -2.81 0.17 -3.62
C PHE A 18 -2.20 -0.29 -4.94
N PHE A 19 -0.90 -0.55 -4.93
CA PHE A 19 -0.20 -1.00 -6.14
C PHE A 19 -0.73 -2.33 -6.66
N VAL A 20 -0.81 -3.32 -5.77
CA VAL A 20 -1.30 -4.65 -6.16
C VAL A 20 -2.72 -4.57 -6.72
N GLY A 21 -3.44 -3.52 -6.36
CA GLY A 21 -4.80 -3.35 -6.83
C GLY A 21 -4.89 -3.32 -8.34
N CYS A 22 -3.81 -2.90 -8.99
CA CYS A 22 -3.78 -2.83 -10.45
C CYS A 22 -3.33 -4.16 -11.04
N GLY A 23 -2.61 -4.95 -10.24
CA GLY A 23 -2.13 -6.24 -10.70
C GLY A 23 -3.26 -7.22 -10.94
N VAL A 24 -4.22 -7.27 -10.02
CA VAL A 24 -5.36 -8.17 -10.13
C VAL A 24 -6.17 -7.88 -11.40
N LEU A 25 -6.12 -6.63 -11.85
CA LEU A 25 -6.84 -6.21 -13.05
C LEU A 25 -6.17 -6.78 -14.31
N LEU A 26 -4.85 -6.95 -14.24
CA LEU A 26 -4.10 -7.47 -15.37
C LEU A 26 -4.33 -8.97 -15.54
N SER A 27 -4.64 -9.65 -14.45
CA SER A 27 -4.88 -11.09 -14.48
C SER A 27 -6.31 -11.37 -14.95
N LYS A 28 -7.16 -10.35 -14.94
CA LYS A 28 -8.54 -10.49 -15.37
C LYS A 28 -8.64 -10.57 -16.89
N LYS A 29 -7.82 -9.77 -17.58
CA LYS A 29 -7.81 -9.76 -19.03
C LYS A 29 -9.19 -9.42 -19.59
N LYS A 30 -9.43 -8.13 -19.81
CA LYS A 30 -10.71 -7.68 -20.33
C LYS A 30 -10.68 -7.62 -21.86
N LYS A 1 10.62 8.31 20.84
CA LYS A 1 10.36 8.79 19.46
C LYS A 1 10.12 7.63 18.52
N LYS A 2 10.08 6.42 19.07
CA LYS A 2 9.84 5.22 18.28
C LYS A 2 8.37 5.11 17.89
N LYS A 3 7.50 5.73 18.68
CA LYS A 3 6.06 5.71 18.43
C LYS A 3 5.74 6.33 17.08
N LEU A 4 6.61 7.24 16.63
CA LEU A 4 6.41 7.91 15.35
C LEU A 4 6.60 6.94 14.19
N HIS A 5 7.61 6.08 14.30
CA HIS A 5 7.90 5.11 13.26
C HIS A 5 6.81 4.05 13.19
N PHE A 6 6.09 3.88 14.31
CA PHE A 6 5.02 2.89 14.38
C PHE A 6 3.80 3.35 13.58
N MET A 7 3.78 4.64 13.25
CA MET A 7 2.67 5.20 12.48
C MET A 7 2.93 5.06 10.99
N TYR A 8 4.19 4.93 10.62
CA TYR A 8 4.57 4.80 9.21
C TYR A 8 4.53 3.33 8.78
N VAL A 9 4.90 2.44 9.68
CA VAL A 9 4.91 1.01 9.39
C VAL A 9 3.53 0.51 8.98
N LEU A 10 2.48 1.14 9.51
CA LEU A 10 1.11 0.77 9.18
C LEU A 10 0.74 1.28 7.79
N LEU A 11 1.46 2.30 7.33
CA LEU A 11 1.21 2.89 6.02
C LEU A 11 1.59 1.91 4.91
N LEU A 12 2.66 1.16 5.13
CA LEU A 12 3.12 0.17 4.15
C LEU A 12 2.00 -0.79 3.76
N LEU A 13 1.21 -1.19 4.75
CA LEU A 13 0.10 -2.11 4.51
C LEU A 13 -0.90 -1.49 3.54
N PHE A 14 -1.00 -0.17 3.58
CA PHE A 14 -1.91 0.56 2.69
C PHE A 14 -1.31 0.70 1.30
N VAL A 15 0.01 0.78 1.24
CA VAL A 15 0.71 0.93 -0.04
C VAL A 15 0.41 -0.25 -0.96
N LEU A 16 0.29 -1.44 -0.36
CA LEU A 16 0.00 -2.66 -1.13
C LEU A 16 -1.34 -2.54 -1.86
N LEU A 17 -2.31 -1.91 -1.21
CA LEU A 17 -3.64 -1.73 -1.80
C LEU A 17 -3.62 -0.62 -2.84
N PHE A 18 -2.61 0.24 -2.77
CA PHE A 18 -2.48 1.35 -3.70
C PHE A 18 -2.01 0.86 -5.07
N PHE A 19 -0.93 0.10 -5.08
CA PHE A 19 -0.38 -0.44 -6.33
C PHE A 19 -1.35 -1.40 -7.00
N VAL A 20 -1.92 -2.31 -6.21
CA VAL A 20 -2.86 -3.29 -6.75
C VAL A 20 -4.21 -2.64 -7.09
N GLY A 21 -4.47 -1.49 -6.49
CA GLY A 21 -5.72 -0.79 -6.74
C GLY A 21 -5.68 0.03 -8.02
N CYS A 22 -4.49 0.49 -8.39
CA CYS A 22 -4.32 1.29 -9.59
C CYS A 22 -4.12 0.40 -10.81
N GLY A 23 -3.51 -0.76 -10.60
CA GLY A 23 -3.27 -1.69 -11.69
C GLY A 23 -4.55 -2.27 -12.25
N VAL A 24 -5.54 -2.45 -11.38
CA VAL A 24 -6.83 -3.02 -11.80
C VAL A 24 -7.69 -1.96 -12.48
N LEU A 25 -7.45 -0.70 -12.15
CA LEU A 25 -8.22 0.40 -12.73
C LEU A 25 -7.91 0.56 -14.22
N LEU A 26 -6.65 0.78 -14.55
CA LEU A 26 -6.22 0.95 -15.94
C LEU A 26 -6.43 -0.34 -16.74
N SER A 27 -6.30 -1.49 -16.07
CA SER A 27 -6.48 -2.77 -16.72
C SER A 27 -7.93 -2.99 -17.11
N LYS A 28 -8.83 -2.85 -16.13
CA LYS A 28 -10.26 -3.02 -16.37
C LYS A 28 -10.81 -1.93 -17.29
N LYS A 29 -10.15 -0.78 -17.26
CA LYS A 29 -10.56 0.36 -18.09
C LYS A 29 -12.01 0.73 -17.85
N LYS A 30 -12.24 1.64 -16.90
CA LYS A 30 -13.59 2.09 -16.56
C LYS A 30 -14.48 0.92 -16.16
N LYS A 1 11.88 7.31 19.46
CA LYS A 1 11.47 7.41 18.04
C LYS A 1 10.82 6.12 17.57
N LYS A 2 10.83 5.10 18.43
CA LYS A 2 10.24 3.81 18.10
C LYS A 2 8.74 3.95 17.86
N LYS A 3 8.14 4.98 18.45
CA LYS A 3 6.71 5.23 18.29
C LYS A 3 6.42 5.97 16.99
N LEU A 4 7.34 6.83 16.59
CA LEU A 4 7.19 7.60 15.37
C LEU A 4 7.21 6.70 14.13
N HIS A 5 8.00 5.63 14.19
CA HIS A 5 8.10 4.70 13.09
C HIS A 5 6.91 3.76 13.06
N PHE A 6 6.32 3.52 14.23
CA PHE A 6 5.16 2.64 14.34
C PHE A 6 3.94 3.26 13.67
N MET A 7 4.00 4.55 13.40
CA MET A 7 2.89 5.26 12.77
C MET A 7 3.00 5.16 11.24
N TYR A 8 4.22 4.95 10.76
CA TYR A 8 4.46 4.84 9.31
C TYR A 8 4.26 3.41 8.83
N VAL A 9 4.61 2.44 9.67
CA VAL A 9 4.48 1.03 9.32
C VAL A 9 3.03 0.68 8.99
N LEU A 10 2.09 1.27 9.71
CA LEU A 10 0.67 1.03 9.48
C LEU A 10 0.26 1.53 8.11
N LEU A 11 1.02 2.50 7.59
CA LEU A 11 0.73 3.08 6.29
C LEU A 11 1.24 2.16 5.17
N LEU A 12 2.36 1.47 5.46
CA LEU A 12 2.96 0.55 4.49
C LEU A 12 1.94 -0.46 3.99
N LEU A 13 0.96 -0.77 4.83
CA LEU A 13 -0.09 -1.71 4.47
C LEU A 13 -0.94 -1.15 3.34
N PHE A 14 -1.25 0.14 3.43
CA PHE A 14 -2.06 0.81 2.41
C PHE A 14 -1.26 0.96 1.11
N VAL A 15 0.06 1.01 1.24
CA VAL A 15 0.93 1.15 0.08
C VAL A 15 1.02 -0.16 -0.69
N LEU A 16 1.08 -1.27 0.04
CA LEU A 16 1.18 -2.59 -0.58
C LEU A 16 0.00 -2.83 -1.52
N LEU A 17 -1.20 -2.87 -0.94
CA LEU A 17 -2.42 -3.10 -1.72
C LEU A 17 -2.59 -2.05 -2.81
N PHE A 18 -1.93 -0.91 -2.65
CA PHE A 18 -2.01 0.18 -3.62
C PHE A 18 -1.35 -0.22 -4.92
N PHE A 19 -0.16 -0.81 -4.81
CA PHE A 19 0.60 -1.25 -5.99
C PHE A 19 0.11 -2.59 -6.49
N VAL A 20 0.16 -3.61 -5.63
CA VAL A 20 -0.27 -4.96 -6.01
C VAL A 20 -1.75 -5.00 -6.38
N GLY A 21 -2.51 -4.02 -5.88
CA GLY A 21 -3.93 -3.98 -6.17
C GLY A 21 -4.23 -3.61 -7.61
N CYS A 22 -3.29 -2.91 -8.25
CA CYS A 22 -3.45 -2.49 -9.63
C CYS A 22 -3.04 -3.58 -10.61
N GLY A 23 -2.07 -4.39 -10.20
CA GLY A 23 -1.59 -5.47 -11.05
C GLY A 23 -2.42 -6.72 -10.95
N VAL A 24 -2.99 -6.97 -9.77
CA VAL A 24 -3.82 -8.16 -9.55
C VAL A 24 -5.10 -8.11 -10.38
N LEU A 25 -5.61 -6.90 -10.60
CA LEU A 25 -6.84 -6.73 -11.37
C LEU A 25 -6.64 -7.14 -12.83
N LEU A 26 -5.65 -6.52 -13.48
CA LEU A 26 -5.36 -6.81 -14.89
C LEU A 26 -4.91 -8.26 -15.06
N SER A 27 -4.24 -8.80 -14.05
CA SER A 27 -3.75 -10.17 -14.10
C SER A 27 -4.88 -11.15 -13.82
N LYS A 28 -5.97 -10.66 -13.25
CA LYS A 28 -7.12 -11.51 -12.93
C LYS A 28 -7.84 -11.95 -14.19
N LYS A 29 -7.87 -11.07 -15.20
CA LYS A 29 -8.53 -11.39 -16.46
C LYS A 29 -7.53 -11.41 -17.61
N LYS A 30 -6.88 -10.27 -17.84
CA LYS A 30 -5.89 -10.14 -18.91
C LYS A 30 -6.51 -10.46 -20.27
N LYS A 1 11.06 9.18 18.84
CA LYS A 1 11.45 8.98 17.42
C LYS A 1 11.07 7.58 16.94
N LYS A 2 11.53 6.57 17.66
CA LYS A 2 11.24 5.19 17.31
C LYS A 2 9.74 4.92 17.33
N LYS A 3 9.02 5.71 18.12
CA LYS A 3 7.58 5.56 18.24
C LYS A 3 6.86 6.15 17.03
N LEU A 4 7.48 7.16 16.41
CA LEU A 4 6.90 7.81 15.24
C LEU A 4 6.91 6.88 14.04
N HIS A 5 7.83 5.91 14.04
CA HIS A 5 7.93 4.96 12.93
C HIS A 5 6.80 3.93 12.98
N PHE A 6 6.19 3.78 14.15
CA PHE A 6 5.10 2.82 14.31
C PHE A 6 3.86 3.30 13.55
N MET A 7 3.81 4.60 13.26
CA MET A 7 2.69 5.17 12.54
C MET A 7 2.92 5.10 11.04
N TYR A 8 4.20 4.95 10.65
CA TYR A 8 4.56 4.86 9.25
C TYR A 8 4.49 3.41 8.76
N VAL A 9 4.85 2.48 9.64
CA VAL A 9 4.83 1.06 9.30
C VAL A 9 3.43 0.61 8.90
N LEU A 10 2.42 1.17 9.57
CA LEU A 10 1.03 0.83 9.28
C LEU A 10 0.62 1.36 7.92
N LEU A 11 1.37 2.34 7.42
CA LEU A 11 1.09 2.94 6.12
C LEU A 11 1.50 2.01 4.99
N LEU A 12 2.60 1.29 5.20
CA LEU A 12 3.11 0.35 4.20
C LEU A 12 2.03 -0.63 3.78
N LEU A 13 1.26 -1.13 4.75
CA LEU A 13 0.20 -2.09 4.48
C LEU A 13 -0.78 -1.51 3.47
N PHE A 14 -0.95 -0.19 3.50
CA PHE A 14 -1.85 0.49 2.58
C PHE A 14 -1.19 0.67 1.21
N VAL A 15 0.14 0.80 1.22
CA VAL A 15 0.90 0.99 -0.01
C VAL A 15 0.75 -0.22 -0.94
N LEU A 16 0.65 -1.40 -0.35
CA LEU A 16 0.49 -2.63 -1.13
C LEU A 16 -0.77 -2.57 -1.98
N LEU A 17 -1.80 -1.92 -1.45
CA LEU A 17 -3.07 -1.79 -2.17
C LEU A 17 -3.06 -0.58 -3.10
N PHE A 18 -2.15 0.35 -2.83
CA PHE A 18 -2.03 1.56 -3.64
C PHE A 18 -1.52 1.22 -5.05
N PHE A 19 -0.54 0.34 -5.12
CA PHE A 19 0.03 -0.06 -6.40
C PHE A 19 -0.88 -1.05 -7.14
N VAL A 20 -1.21 -2.15 -6.47
CA VAL A 20 -2.07 -3.16 -7.06
C VAL A 20 -3.46 -2.61 -7.37
N GLY A 21 -3.84 -1.56 -6.65
CA GLY A 21 -5.15 -0.95 -6.85
C GLY A 21 -5.19 -0.06 -8.08
N CYS A 22 -4.02 0.35 -8.56
CA CYS A 22 -3.93 1.21 -9.74
C CYS A 22 -4.28 0.44 -11.01
N GLY A 23 -4.15 -0.89 -10.95
CA GLY A 23 -4.46 -1.72 -12.10
C GLY A 23 -5.96 -1.88 -12.32
N VAL A 24 -6.65 -2.35 -11.30
CA VAL A 24 -8.09 -2.56 -11.40
C VAL A 24 -8.83 -1.23 -11.53
N LEU A 25 -8.22 -0.16 -11.01
CA LEU A 25 -8.83 1.17 -11.08
C LEU A 25 -8.90 1.66 -12.53
N LEU A 26 -7.74 1.72 -13.18
CA LEU A 26 -7.66 2.17 -14.57
C LEU A 26 -8.26 1.14 -15.51
N SER A 27 -8.53 -0.06 -14.99
CA SER A 27 -9.10 -1.14 -15.79
C SER A 27 -10.49 -0.76 -16.29
N LYS A 28 -11.37 -0.41 -15.35
CA LYS A 28 -12.74 -0.03 -15.69
C LYS A 28 -12.82 1.46 -16.00
N LYS A 29 -12.10 2.26 -15.22
CA LYS A 29 -12.08 3.71 -15.41
C LYS A 29 -10.99 4.13 -16.37
N LYS A 30 -11.30 4.12 -17.66
CA LYS A 30 -10.34 4.49 -18.70
C LYS A 30 -9.13 3.57 -18.68
N LYS A 1 10.97 4.50 21.44
CA LYS A 1 11.81 5.02 20.33
C LYS A 1 11.39 4.42 18.99
N LYS A 2 11.11 3.12 18.99
CA LYS A 2 10.69 2.44 17.78
C LYS A 2 9.20 2.64 17.53
N LYS A 3 8.46 2.93 18.60
CA LYS A 3 7.02 3.16 18.49
C LYS A 3 6.73 4.36 17.59
N LEU A 4 7.65 5.32 17.57
CA LEU A 4 7.49 6.51 16.76
C LEU A 4 7.45 6.17 15.27
N HIS A 5 8.35 5.28 14.86
CA HIS A 5 8.43 4.85 13.47
C HIS A 5 7.32 3.84 13.15
N PHE A 6 6.76 3.24 14.20
CA PHE A 6 5.69 2.26 14.04
C PHE A 6 4.44 2.92 13.46
N MET A 7 4.29 4.22 13.69
CA MET A 7 3.15 4.96 13.18
C MET A 7 3.14 4.97 11.66
N TYR A 8 4.31 4.86 11.06
CA TYR A 8 4.44 4.88 9.61
C TYR A 8 4.30 3.47 9.01
N VAL A 9 4.67 2.44 9.77
CA VAL A 9 4.58 1.07 9.27
C VAL A 9 3.14 0.71 8.87
N LEU A 10 2.17 1.39 9.47
CA LEU A 10 0.77 1.14 9.15
C LEU A 10 0.46 1.61 7.73
N LEU A 11 1.23 2.58 7.26
CA LEU A 11 1.06 3.12 5.92
C LEU A 11 1.49 2.10 4.87
N LEU A 12 2.61 1.44 5.13
CA LEU A 12 3.15 0.43 4.22
C LEU A 12 2.07 -0.56 3.80
N LEU A 13 1.23 -0.95 4.76
CA LEU A 13 0.15 -1.88 4.47
C LEU A 13 -0.78 -1.34 3.39
N PHE A 14 -1.09 -0.05 3.50
CA PHE A 14 -1.96 0.61 2.54
C PHE A 14 -1.28 0.71 1.17
N VAL A 15 0.05 0.69 1.18
CA VAL A 15 0.82 0.78 -0.05
C VAL A 15 0.68 -0.49 -0.88
N LEU A 16 0.79 -1.64 -0.23
CA LEU A 16 0.68 -2.93 -0.90
C LEU A 16 -0.65 -3.06 -1.62
N LEU A 17 -1.73 -2.75 -0.92
CA LEU A 17 -3.08 -2.83 -1.48
C LEU A 17 -3.27 -1.82 -2.61
N PHE A 18 -2.42 -0.79 -2.62
CA PHE A 18 -2.49 0.25 -3.64
C PHE A 18 -1.86 -0.21 -4.95
N PHE A 19 -0.70 -0.85 -4.84
CA PHE A 19 0.00 -1.35 -6.03
C PHE A 19 -0.71 -2.54 -6.66
N VAL A 20 -1.22 -3.44 -5.81
CA VAL A 20 -1.92 -4.63 -6.30
C VAL A 20 -3.33 -4.28 -6.78
N GLY A 21 -3.88 -3.20 -6.23
CA GLY A 21 -5.23 -2.78 -6.61
C GLY A 21 -5.30 -2.36 -8.07
N CYS A 22 -4.27 -1.68 -8.54
CA CYS A 22 -4.21 -1.22 -9.92
C CYS A 22 -3.62 -2.30 -10.82
N GLY A 23 -2.81 -3.18 -10.24
CA GLY A 23 -2.20 -4.25 -10.99
C GLY A 23 -3.20 -5.22 -11.57
N VAL A 24 -4.41 -5.22 -11.02
CA VAL A 24 -5.46 -6.12 -11.49
C VAL A 24 -5.71 -5.94 -12.99
N LEU A 25 -5.45 -4.74 -13.49
CA LEU A 25 -5.65 -4.45 -14.91
C LEU A 25 -4.63 -5.20 -15.76
N LEU A 26 -3.36 -5.08 -15.39
CA LEU A 26 -2.28 -5.75 -16.12
C LEU A 26 -2.33 -7.26 -15.90
N SER A 27 -3.01 -7.67 -14.83
CA SER A 27 -3.14 -9.08 -14.51
C SER A 27 -4.17 -9.75 -15.40
N LYS A 28 -4.98 -8.93 -16.07
CA LYS A 28 -6.02 -9.44 -16.96
C LYS A 28 -5.41 -10.22 -18.11
N LYS A 29 -4.17 -9.87 -18.46
CA LYS A 29 -3.46 -10.53 -19.55
C LYS A 29 -2.68 -11.74 -19.02
N LYS A 30 -3.35 -12.89 -18.99
CA LYS A 30 -2.72 -14.12 -18.50
C LYS A 30 -2.21 -13.96 -17.08
N LYS A 1 8.97 10.46 18.29
CA LYS A 1 9.87 9.72 17.36
C LYS A 1 9.53 8.24 17.36
N LYS A 2 9.40 7.66 18.54
CA LYS A 2 9.08 6.23 18.67
C LYS A 2 7.64 5.96 18.24
N LYS A 3 6.78 6.95 18.37
CA LYS A 3 5.38 6.81 17.98
C LYS A 3 5.20 7.02 16.49
N LEU A 4 6.05 7.84 15.90
CA LEU A 4 5.99 8.12 14.47
C LEU A 4 6.34 6.89 13.64
N HIS A 5 7.30 6.11 14.12
CA HIS A 5 7.73 4.91 13.42
C HIS A 5 6.59 3.90 13.33
N PHE A 6 5.80 3.81 14.40
CA PHE A 6 4.67 2.89 14.45
C PHE A 6 3.53 3.38 13.55
N MET A 7 3.59 4.66 13.17
CA MET A 7 2.56 5.25 12.32
C MET A 7 2.89 5.06 10.85
N TYR A 8 4.18 4.98 10.53
CA TYR A 8 4.62 4.82 9.15
C TYR A 8 4.64 3.35 8.74
N VAL A 9 4.99 2.47 9.68
CA VAL A 9 5.04 1.04 9.41
C VAL A 9 3.69 0.51 8.96
N LEU A 10 2.62 1.10 9.48
CA LEU A 10 1.27 0.69 9.11
C LEU A 10 0.91 1.21 7.73
N LEU A 11 1.64 2.23 7.28
CA LEU A 11 1.41 2.82 5.97
C LEU A 11 1.83 1.86 4.87
N LEU A 12 2.90 1.12 5.13
CA LEU A 12 3.42 0.14 4.17
C LEU A 12 2.33 -0.83 3.73
N LEU A 13 1.48 -1.22 4.68
CA LEU A 13 0.39 -2.14 4.40
C LEU A 13 -0.66 -1.46 3.53
N PHE A 14 -0.74 -0.13 3.65
CA PHE A 14 -1.69 0.66 2.88
C PHE A 14 -1.19 0.84 1.44
N VAL A 15 0.13 0.84 1.27
CA VAL A 15 0.73 1.01 -0.04
C VAL A 15 0.44 -0.19 -0.93
N LEU A 16 0.45 -1.37 -0.33
CA LEU A 16 0.17 -2.60 -1.08
C LEU A 16 -1.21 -2.55 -1.73
N LEU A 17 -2.24 -2.43 -0.90
CA LEU A 17 -3.61 -2.38 -1.38
C LEU A 17 -3.81 -1.20 -2.32
N PHE A 18 -2.93 -0.21 -2.23
CA PHE A 18 -3.02 0.98 -3.07
C PHE A 18 -2.65 0.64 -4.51
N PHE A 19 -1.58 -0.12 -4.69
CA PHE A 19 -1.12 -0.52 -6.02
C PHE A 19 -1.93 -1.70 -6.55
N VAL A 20 -2.00 -2.77 -5.77
CA VAL A 20 -2.74 -3.97 -6.19
C VAL A 20 -4.22 -3.64 -6.36
N GLY A 21 -4.67 -2.57 -5.71
CA GLY A 21 -6.05 -2.18 -5.80
C GLY A 21 -6.39 -1.55 -7.14
N CYS A 22 -5.36 -1.08 -7.84
CA CYS A 22 -5.55 -0.46 -9.15
C CYS A 22 -5.93 -1.51 -10.19
N GLY A 23 -5.53 -2.75 -9.93
CA GLY A 23 -5.84 -3.84 -10.86
C GLY A 23 -7.28 -4.28 -10.76
N VAL A 24 -7.73 -4.54 -9.55
CA VAL A 24 -9.11 -4.98 -9.32
C VAL A 24 -10.10 -3.91 -9.75
N LEU A 25 -9.65 -2.65 -9.72
CA LEU A 25 -10.49 -1.53 -10.10
C LEU A 25 -10.81 -1.56 -11.60
N LEU A 26 -9.95 -2.23 -12.36
CA LEU A 26 -10.13 -2.36 -13.81
C LEU A 26 -11.26 -3.31 -14.14
N SER A 27 -11.73 -4.05 -13.14
CA SER A 27 -12.82 -5.01 -13.33
C SER A 27 -14.09 -4.31 -13.79
N LYS A 28 -14.13 -2.99 -13.65
CA LYS A 28 -15.30 -2.21 -14.04
C LYS A 28 -15.49 -2.26 -15.55
N LYS A 29 -14.42 -2.57 -16.27
CA LYS A 29 -14.47 -2.66 -17.73
C LYS A 29 -15.07 -3.99 -18.16
N LYS A 30 -16.39 -4.10 -18.07
CA LYS A 30 -17.08 -5.33 -18.44
C LYS A 30 -17.38 -5.35 -19.93
N LYS A 1 10.33 9.72 18.79
CA LYS A 1 10.84 9.16 17.50
C LYS A 1 10.37 7.72 17.33
N LYS A 2 10.24 7.00 18.44
CA LYS A 2 9.81 5.61 18.42
C LYS A 2 8.37 5.50 17.91
N LYS A 3 7.51 6.41 18.36
CA LYS A 3 6.11 6.40 17.96
C LYS A 3 5.96 6.79 16.48
N LEU A 4 6.92 7.56 15.97
CA LEU A 4 6.88 7.99 14.58
C LEU A 4 6.99 6.79 13.64
N HIS A 5 7.69 5.76 14.09
CA HIS A 5 7.86 4.55 13.28
C HIS A 5 6.57 3.74 13.25
N PHE A 6 5.96 3.57 14.42
CA PHE A 6 4.71 2.81 14.54
C PHE A 6 3.59 3.45 13.72
N MET A 7 3.80 4.70 13.33
CA MET A 7 2.79 5.44 12.56
C MET A 7 2.97 5.21 11.05
N TYR A 8 4.21 5.07 10.61
CA TYR A 8 4.49 4.88 9.18
C TYR A 8 4.45 3.40 8.79
N VAL A 9 4.82 2.52 9.71
CA VAL A 9 4.84 1.09 9.43
C VAL A 9 3.46 0.59 8.99
N LEU A 10 2.41 1.19 9.56
CA LEU A 10 1.05 0.80 9.22
C LEU A 10 0.67 1.32 7.83
N LEU A 11 1.38 2.34 7.38
CA LEU A 11 1.14 2.94 6.07
C LEU A 11 1.57 2.00 4.95
N LEU A 12 2.65 1.26 5.20
CA LEU A 12 3.17 0.31 4.21
C LEU A 12 2.10 -0.65 3.74
N LEU A 13 1.35 -1.23 4.68
CA LEU A 13 0.29 -2.17 4.35
C LEU A 13 -0.72 -1.54 3.39
N PHE A 14 -0.86 -0.22 3.46
CA PHE A 14 -1.77 0.50 2.59
C PHE A 14 -1.17 0.69 1.21
N VAL A 15 0.15 0.87 1.18
CA VAL A 15 0.88 1.06 -0.08
C VAL A 15 0.77 -0.16 -0.97
N LEU A 16 0.68 -1.34 -0.36
CA LEU A 16 0.57 -2.59 -1.09
C LEU A 16 -0.65 -2.59 -2.01
N LEU A 17 -1.81 -2.26 -1.44
CA LEU A 17 -3.06 -2.23 -2.19
C LEU A 17 -3.04 -1.12 -3.24
N PHE A 18 -2.17 -0.13 -3.05
CA PHE A 18 -2.07 0.99 -3.97
C PHE A 18 -1.43 0.57 -5.29
N PHE A 19 -0.28 -0.10 -5.20
CA PHE A 19 0.44 -0.55 -6.39
C PHE A 19 -0.28 -1.69 -7.11
N VAL A 20 -0.70 -2.70 -6.35
CA VAL A 20 -1.39 -3.85 -6.93
C VAL A 20 -2.70 -3.45 -7.58
N GLY A 21 -3.28 -2.35 -7.12
CA GLY A 21 -4.55 -1.89 -7.67
C GLY A 21 -4.38 -1.07 -8.93
N CYS A 22 -3.15 -0.63 -9.20
CA CYS A 22 -2.87 0.18 -10.38
C CYS A 22 -2.56 -0.70 -11.59
N GLY A 23 -1.74 -1.73 -11.37
CA GLY A 23 -1.36 -2.63 -12.46
C GLY A 23 -2.56 -3.35 -13.07
N VAL A 24 -3.56 -3.64 -12.24
CA VAL A 24 -4.75 -4.34 -12.71
C VAL A 24 -5.63 -3.46 -13.60
N LEU A 25 -5.52 -2.15 -13.42
CA LEU A 25 -6.30 -1.20 -14.22
C LEU A 25 -6.04 -1.38 -15.71
N LEU A 26 -4.79 -1.22 -16.11
CA LEU A 26 -4.41 -1.36 -17.52
C LEU A 26 -4.78 -2.73 -18.06
N SER A 27 -4.80 -3.73 -17.18
CA SER A 27 -5.13 -5.09 -17.58
C SER A 27 -6.60 -5.21 -17.99
N LYS A 28 -7.49 -4.85 -17.07
CA LYS A 28 -8.92 -4.92 -17.32
C LYS A 28 -9.32 -4.03 -18.50
N LYS A 29 -9.05 -2.74 -18.37
CA LYS A 29 -9.38 -1.78 -19.42
C LYS A 29 -10.86 -1.84 -19.77
N LYS A 30 -11.68 -1.13 -19.00
CA LYS A 30 -13.12 -1.11 -19.24
C LYS A 30 -13.77 0.09 -18.54
N LYS A 1 9.99 8.52 20.73
CA LYS A 1 9.15 8.87 19.56
C LYS A 1 8.82 7.64 18.73
N LYS A 2 8.75 6.49 19.40
CA LYS A 2 8.44 5.23 18.72
C LYS A 2 7.05 5.27 18.11
N LYS A 3 6.18 6.11 18.66
CA LYS A 3 4.82 6.25 18.17
C LYS A 3 4.79 6.74 16.73
N LEU A 4 5.63 7.73 16.44
CA LEU A 4 5.73 8.30 15.10
C LEU A 4 6.19 7.26 14.08
N HIS A 5 7.06 6.35 14.52
CA HIS A 5 7.57 5.31 13.65
C HIS A 5 6.51 4.25 13.38
N PHE A 6 5.70 3.97 14.40
CA PHE A 6 4.64 2.98 14.28
C PHE A 6 3.56 3.44 13.30
N MET A 7 3.56 4.73 12.99
CA MET A 7 2.58 5.29 12.07
C MET A 7 2.99 5.08 10.63
N TYR A 8 4.28 4.93 10.39
CA TYR A 8 4.80 4.73 9.04
C TYR A 8 4.77 3.25 8.66
N VAL A 9 5.08 2.39 9.63
CA VAL A 9 5.09 0.95 9.38
C VAL A 9 3.72 0.46 8.91
N LEU A 10 2.67 1.16 9.34
CA LEU A 10 1.31 0.80 8.95
C LEU A 10 1.00 1.30 7.54
N LEU A 11 1.72 2.34 7.12
CA LEU A 11 1.54 2.91 5.80
C LEU A 11 1.86 1.90 4.72
N LEU A 12 2.94 1.14 4.92
CA LEU A 12 3.38 0.13 3.97
C LEU A 12 2.24 -0.84 3.64
N LEU A 13 1.42 -1.15 4.64
CA LEU A 13 0.30 -2.06 4.45
C LEU A 13 -0.76 -1.42 3.56
N PHE A 14 -0.85 -0.10 3.61
CA PHE A 14 -1.82 0.65 2.81
C PHE A 14 -1.33 0.79 1.36
N VAL A 15 -0.02 0.79 1.18
CA VAL A 15 0.57 0.93 -0.14
C VAL A 15 0.20 -0.24 -1.04
N LEU A 16 0.37 -1.46 -0.54
CA LEU A 16 0.07 -2.67 -1.30
C LEU A 16 -1.38 -2.66 -1.78
N LEU A 17 -2.31 -2.44 -0.85
CA LEU A 17 -3.74 -2.42 -1.18
C LEU A 17 -4.08 -1.23 -2.07
N PHE A 18 -3.22 -0.22 -2.08
CA PHE A 18 -3.44 0.97 -2.89
C PHE A 18 -3.18 0.70 -4.36
N PHE A 19 -2.03 0.07 -4.66
CA PHE A 19 -1.66 -0.23 -6.04
C PHE A 19 -2.52 -1.34 -6.63
N VAL A 20 -2.88 -2.32 -5.80
CA VAL A 20 -3.70 -3.43 -6.25
C VAL A 20 -5.19 -3.08 -6.21
N GLY A 21 -5.53 -2.08 -5.41
CA GLY A 21 -6.92 -1.66 -5.29
C GLY A 21 -7.48 -1.07 -6.57
N CYS A 22 -6.60 -0.46 -7.37
CA CYS A 22 -7.02 0.15 -8.63
C CYS A 22 -7.01 -0.87 -9.77
N GLY A 23 -6.20 -1.91 -9.60
CA GLY A 23 -6.11 -2.94 -10.63
C GLY A 23 -7.27 -3.92 -10.59
N VAL A 24 -7.78 -4.17 -9.39
CA VAL A 24 -8.90 -5.10 -9.22
C VAL A 24 -10.18 -4.56 -9.85
N LEU A 25 -10.27 -3.24 -9.94
CA LEU A 25 -11.44 -2.58 -10.53
C LEU A 25 -11.55 -2.91 -12.02
N LEU A 26 -10.41 -3.05 -12.68
CA LEU A 26 -10.38 -3.35 -14.11
C LEU A 26 -10.58 -4.85 -14.36
N SER A 27 -10.14 -5.67 -13.40
CA SER A 27 -10.26 -7.11 -13.53
C SER A 27 -11.68 -7.57 -13.20
N LYS A 28 -12.42 -6.72 -12.49
CA LYS A 28 -13.79 -7.04 -12.11
C LYS A 28 -14.76 -6.79 -13.27
N LYS A 29 -14.44 -5.78 -14.08
CA LYS A 29 -15.28 -5.44 -15.22
C LYS A 29 -14.71 -6.02 -16.50
N LYS A 30 -15.12 -7.24 -16.83
CA LYS A 30 -14.66 -7.92 -18.03
C LYS A 30 -15.18 -7.23 -19.29
N LYS A 1 10.43 9.32 19.92
CA LYS A 1 10.40 9.28 18.43
C LYS A 1 10.17 7.86 17.93
N LYS A 2 10.31 6.90 18.83
CA LYS A 2 10.12 5.49 18.48
C LYS A 2 8.69 5.24 18.01
N LYS A 3 7.76 6.03 18.53
CA LYS A 3 6.35 5.89 18.17
C LYS A 3 6.08 6.44 16.78
N LEU A 4 6.86 7.45 16.39
CA LEU A 4 6.70 8.07 15.08
C LEU A 4 6.98 7.07 13.96
N HIS A 5 7.86 6.11 14.24
CA HIS A 5 8.22 5.09 13.26
C HIS A 5 7.14 4.00 13.20
N PHE A 6 6.42 3.83 14.30
CA PHE A 6 5.37 2.83 14.38
C PHE A 6 4.11 3.30 13.64
N MET A 7 4.05 4.60 13.37
CA MET A 7 2.91 5.18 12.67
C MET A 7 3.08 5.04 11.14
N TYR A 8 4.32 4.90 10.71
CA TYR A 8 4.60 4.76 9.28
C TYR A 8 4.53 3.29 8.84
N VAL A 9 4.94 2.40 9.73
CA VAL A 9 4.93 0.97 9.42
C VAL A 9 3.51 0.49 9.08
N LEU A 10 2.51 1.19 9.61
CA LEU A 10 1.12 0.84 9.33
C LEU A 10 0.70 1.35 7.97
N LEU A 11 1.39 2.39 7.49
CA LEU A 11 1.09 2.99 6.20
C LEU A 11 1.46 2.04 5.07
N LEU A 12 2.52 1.27 5.27
CA LEU A 12 2.98 0.31 4.27
C LEU A 12 1.87 -0.65 3.86
N LEU A 13 1.04 -1.03 4.83
CA LEU A 13 -0.07 -1.95 4.58
C LEU A 13 -1.02 -1.35 3.54
N PHE A 14 -1.12 -0.02 3.53
CA PHE A 14 -1.99 0.66 2.59
C PHE A 14 -1.30 0.81 1.22
N VAL A 15 0.02 0.81 1.24
CA VAL A 15 0.80 0.94 0.01
C VAL A 15 0.73 -0.34 -0.82
N LEU A 16 0.66 -1.48 -0.15
CA LEU A 16 0.59 -2.77 -0.82
C LEU A 16 -0.62 -2.84 -1.75
N LEU A 17 -1.81 -2.68 -1.18
CA LEU A 17 -3.05 -2.73 -1.94
C LEU A 17 -3.09 -1.65 -3.02
N PHE A 18 -2.27 -0.62 -2.86
CA PHE A 18 -2.23 0.48 -3.83
C PHE A 18 -1.58 0.04 -5.14
N PHE A 19 -0.38 -0.53 -5.04
CA PHE A 19 0.34 -0.99 -6.22
C PHE A 19 -0.30 -2.22 -6.85
N VAL A 20 -0.52 -3.26 -6.04
CA VAL A 20 -1.12 -4.49 -6.53
C VAL A 20 -2.50 -4.24 -7.13
N GLY A 21 -3.16 -3.17 -6.67
CA GLY A 21 -4.47 -2.83 -7.17
C GLY A 21 -4.41 -2.18 -8.55
N CYS A 22 -3.30 -1.51 -8.84
CA CYS A 22 -3.13 -0.84 -10.12
C CYS A 22 -2.90 -1.85 -11.23
N GLY A 23 -2.34 -3.00 -10.88
CA GLY A 23 -2.08 -4.04 -11.87
C GLY A 23 -3.35 -4.56 -12.51
N VAL A 24 -4.39 -4.77 -11.71
CA VAL A 24 -5.66 -5.27 -12.22
C VAL A 24 -6.48 -4.14 -12.82
N LEU A 25 -6.24 -2.92 -12.35
CA LEU A 25 -6.96 -1.75 -12.84
C LEU A 25 -6.83 -1.61 -14.36
N LEU A 26 -5.59 -1.63 -14.83
CA LEU A 26 -5.31 -1.51 -16.26
C LEU A 26 -5.83 -2.73 -17.03
N SER A 27 -5.95 -3.85 -16.32
CA SER A 27 -6.43 -5.08 -16.94
C SER A 27 -7.93 -5.01 -17.21
N LYS A 28 -8.62 -4.13 -16.48
CA LYS A 28 -10.06 -3.98 -16.64
C LYS A 28 -10.37 -2.95 -17.72
N LYS A 29 -9.70 -1.81 -17.66
CA LYS A 29 -9.91 -0.74 -18.64
C LYS A 29 -9.39 -1.13 -20.02
N LYS A 30 -8.08 -1.33 -20.11
CA LYS A 30 -7.45 -1.71 -21.37
C LYS A 30 -6.40 -2.80 -21.15
N LYS A 1 11.80 7.85 18.77
CA LYS A 1 11.60 7.76 17.31
C LYS A 1 10.77 6.54 16.94
N LYS A 2 10.85 5.51 17.76
CA LYS A 2 10.11 4.27 17.53
C LYS A 2 8.60 4.51 17.65
N LYS A 3 8.23 5.55 18.38
CA LYS A 3 6.83 5.89 18.58
C LYS A 3 6.20 6.43 17.30
N LEU A 4 6.93 7.33 16.63
CA LEU A 4 6.44 7.91 15.39
C LEU A 4 6.69 7.00 14.20
N HIS A 5 7.70 6.14 14.33
CA HIS A 5 8.04 5.20 13.26
C HIS A 5 6.98 4.12 13.12
N PHE A 6 6.32 3.78 14.23
CA PHE A 6 5.28 2.76 14.22
C PHE A 6 4.05 3.26 13.47
N MET A 7 3.98 4.57 13.25
CA MET A 7 2.86 5.17 12.54
C MET A 7 3.05 5.06 11.03
N TYR A 8 4.31 4.91 10.61
CA TYR A 8 4.62 4.80 9.19
C TYR A 8 4.52 3.35 8.72
N VAL A 9 5.00 2.42 9.55
CA VAL A 9 4.95 1.00 9.23
C VAL A 9 3.53 0.54 8.90
N LEU A 10 2.55 1.12 9.59
CA LEU A 10 1.15 0.77 9.36
C LEU A 10 0.68 1.28 8.00
N LEU A 11 1.34 2.33 7.53
CA LEU A 11 1.00 2.93 6.24
C LEU A 11 1.36 1.98 5.10
N LEU A 12 2.45 1.24 5.28
CA LEU A 12 2.91 0.29 4.27
C LEU A 12 1.78 -0.66 3.86
N LEU A 13 0.95 -1.03 4.83
CA LEU A 13 -0.17 -1.93 4.58
C LEU A 13 -1.07 -1.37 3.49
N PHE A 14 -1.22 -0.05 3.49
CA PHE A 14 -2.04 0.64 2.50
C PHE A 14 -1.30 0.72 1.17
N VAL A 15 0.03 0.80 1.24
CA VAL A 15 0.86 0.89 0.04
C VAL A 15 0.78 -0.41 -0.75
N LEU A 16 0.59 -1.52 -0.05
CA LEU A 16 0.49 -2.82 -0.69
C LEU A 16 -0.64 -2.85 -1.70
N LEU A 17 -1.81 -2.37 -1.29
CA LEU A 17 -2.97 -2.33 -2.18
C LEU A 17 -2.74 -1.34 -3.32
N PHE A 18 -1.95 -0.31 -3.05
CA PHE A 18 -1.65 0.71 -4.05
C PHE A 18 -0.90 0.11 -5.24
N PHE A 19 0.10 -0.73 -4.95
CA PHE A 19 0.90 -1.36 -5.99
C PHE A 19 0.12 -2.45 -6.72
N VAL A 20 -0.41 -3.41 -5.98
CA VAL A 20 -1.17 -4.50 -6.57
C VAL A 20 -2.46 -4.00 -7.21
N GLY A 21 -2.91 -2.83 -6.79
CA GLY A 21 -4.13 -2.26 -7.32
C GLY A 21 -3.93 -1.61 -8.70
N CYS A 22 -2.73 -1.08 -8.92
CA CYS A 22 -2.42 -0.44 -10.19
C CYS A 22 -1.91 -1.46 -11.21
N GLY A 23 -1.00 -2.32 -10.77
CA GLY A 23 -0.43 -3.33 -11.64
C GLY A 23 -1.47 -4.27 -12.22
N VAL A 24 -2.49 -4.58 -11.42
CA VAL A 24 -3.55 -5.48 -11.86
C VAL A 24 -4.30 -4.92 -13.06
N LEU A 25 -4.29 -3.59 -13.19
CA LEU A 25 -4.96 -2.93 -14.30
C LEU A 25 -4.19 -3.12 -15.60
N LEU A 26 -2.86 -3.09 -15.52
CA LEU A 26 -2.01 -3.28 -16.68
C LEU A 26 -2.17 -4.68 -17.27
N SER A 27 -2.32 -5.66 -16.39
CA SER A 27 -2.49 -7.05 -16.81
C SER A 27 -3.86 -7.26 -17.45
N LYS A 28 -4.79 -6.36 -17.14
CA LYS A 28 -6.15 -6.46 -17.68
C LYS A 28 -6.15 -6.18 -19.18
N LYS A 29 -5.10 -5.53 -19.67
CA LYS A 29 -4.99 -5.21 -21.09
C LYS A 29 -3.64 -5.68 -21.64
N LYS A 30 -3.06 -6.68 -20.99
CA LYS A 30 -1.76 -7.22 -21.41
C LYS A 30 -0.69 -6.14 -21.43
N LYS A 1 11.14 9.23 18.66
CA LYS A 1 10.60 9.14 17.29
C LYS A 1 10.02 7.75 17.02
N LYS A 2 10.03 6.90 18.05
CA LYS A 2 9.52 5.55 17.92
C LYS A 2 8.01 5.56 17.65
N LYS A 3 7.32 6.56 18.19
CA LYS A 3 5.89 6.69 18.00
C LYS A 3 5.56 6.97 16.53
N LEU A 4 6.32 7.88 15.92
CA LEU A 4 6.11 8.23 14.53
C LEU A 4 6.52 7.08 13.61
N HIS A 5 7.49 6.29 14.06
CA HIS A 5 7.97 5.16 13.28
C HIS A 5 6.91 4.07 13.18
N PHE A 6 6.30 3.75 14.33
CA PHE A 6 5.27 2.71 14.38
C PHE A 6 4.03 3.16 13.62
N MET A 7 3.90 4.46 13.40
CA MET A 7 2.76 5.01 12.67
C MET A 7 3.00 4.95 11.17
N TYR A 8 4.26 4.86 10.77
CA TYR A 8 4.61 4.79 9.36
C TYR A 8 4.59 3.35 8.87
N VAL A 9 5.04 2.42 9.71
CA VAL A 9 5.06 1.02 9.37
C VAL A 9 3.67 0.50 9.00
N LEU A 10 2.63 1.16 9.54
CA LEU A 10 1.26 0.78 9.27
C LEU A 10 0.82 1.27 7.89
N LEU A 11 1.42 2.36 7.44
CA LEU A 11 1.10 2.93 6.14
C LEU A 11 1.48 1.97 5.03
N LEU A 12 2.58 1.24 5.23
CA LEU A 12 3.05 0.28 4.25
C LEU A 12 1.96 -0.71 3.87
N LEU A 13 1.12 -1.06 4.85
CA LEU A 13 0.03 -2.00 4.62
C LEU A 13 -0.93 -1.45 3.56
N PHE A 14 -1.08 -0.14 3.54
CA PHE A 14 -1.97 0.52 2.57
C PHE A 14 -1.28 0.62 1.21
N VAL A 15 0.04 0.74 1.23
CA VAL A 15 0.81 0.86 -0.01
C VAL A 15 0.63 -0.37 -0.89
N LEU A 16 0.51 -1.54 -0.26
CA LEU A 16 0.33 -2.79 -0.99
C LEU A 16 -0.96 -2.77 -1.81
N LEU A 17 -2.06 -2.39 -1.17
CA LEU A 17 -3.36 -2.33 -1.83
C LEU A 17 -3.42 -1.15 -2.80
N PHE A 18 -2.53 -0.18 -2.62
CA PHE A 18 -2.49 1.00 -3.47
C PHE A 18 -1.97 0.66 -4.87
N PHE A 19 -0.82 0.00 -4.92
CA PHE A 19 -0.20 -0.37 -6.19
C PHE A 19 -0.99 -1.46 -6.91
N VAL A 20 -1.35 -2.51 -6.20
CA VAL A 20 -2.11 -3.61 -6.79
C VAL A 20 -3.50 -3.15 -7.22
N GLY A 21 -3.98 -2.06 -6.65
CA GLY A 21 -5.28 -1.54 -6.99
C GLY A 21 -5.27 -0.67 -8.24
N CYS A 22 -4.22 0.12 -8.39
CA CYS A 22 -4.09 0.99 -9.55
C CYS A 22 -3.41 0.27 -10.71
N GLY A 23 -2.76 -0.84 -10.40
CA GLY A 23 -2.08 -1.62 -11.42
C GLY A 23 -3.01 -2.08 -12.53
N VAL A 24 -4.26 -2.36 -12.17
CA VAL A 24 -5.25 -2.81 -13.13
C VAL A 24 -5.65 -1.68 -14.08
N LEU A 25 -5.53 -0.44 -13.60
CA LEU A 25 -5.87 0.72 -14.40
C LEU A 25 -4.75 1.07 -15.37
N LEU A 26 -3.53 0.67 -15.03
CA LEU A 26 -2.37 0.94 -15.87
C LEU A 26 -2.29 -0.04 -17.02
N SER A 27 -3.08 -1.11 -16.93
CA SER A 27 -3.11 -2.14 -17.96
C SER A 27 -3.86 -1.64 -19.20
N LYS A 28 -5.13 -1.26 -19.01
CA LYS A 28 -5.95 -0.76 -20.09
C LYS A 28 -5.41 0.56 -20.62
N LYS A 29 -4.70 1.28 -19.76
CA LYS A 29 -4.13 2.57 -20.13
C LYS A 29 -2.68 2.66 -19.68
N LYS A 30 -1.75 2.55 -20.63
CA LYS A 30 -0.33 2.61 -20.32
C LYS A 30 0.07 4.03 -19.90
N LYS A 1 10.18 10.27 18.42
CA LYS A 1 10.10 9.82 17.00
C LYS A 1 9.73 8.35 16.92
N LYS A 2 9.86 7.65 18.04
CA LYS A 2 9.55 6.22 18.11
C LYS A 2 8.09 5.98 17.73
N LYS A 3 7.19 6.74 18.35
CA LYS A 3 5.77 6.61 18.09
C LYS A 3 5.44 6.86 16.62
N LEU A 4 6.08 7.87 16.04
CA LEU A 4 5.86 8.22 14.64
C LEU A 4 6.25 7.06 13.72
N HIS A 5 7.25 6.28 14.14
CA HIS A 5 7.71 5.15 13.36
C HIS A 5 6.62 4.09 13.26
N PHE A 6 5.87 3.92 14.34
CA PHE A 6 4.78 2.95 14.38
C PHE A 6 3.62 3.41 13.50
N MET A 7 3.59 4.70 13.19
CA MET A 7 2.53 5.25 12.36
C MET A 7 2.86 5.10 10.88
N TYR A 8 4.15 4.96 10.58
CA TYR A 8 4.60 4.81 9.20
C TYR A 8 4.59 3.33 8.79
N VAL A 9 5.03 2.46 9.69
CA VAL A 9 5.06 1.03 9.42
C VAL A 9 3.69 0.51 9.00
N LEU A 10 2.63 1.14 9.51
CA LEU A 10 1.27 0.73 9.17
C LEU A 10 0.90 1.27 7.79
N LEU A 11 1.52 2.37 7.39
CA LEU A 11 1.27 2.98 6.10
C LEU A 11 1.63 2.01 4.97
N LEU A 12 2.71 1.26 5.16
CA LEU A 12 3.16 0.29 4.17
C LEU A 12 2.04 -0.68 3.80
N LEU A 13 1.31 -1.15 4.81
CA LEU A 13 0.22 -2.09 4.58
C LEU A 13 -0.81 -1.49 3.62
N PHE A 14 -0.89 -0.16 3.61
CA PHE A 14 -1.82 0.54 2.74
C PHE A 14 -1.22 0.72 1.34
N VAL A 15 0.10 0.80 1.27
CA VAL A 15 0.79 0.96 0.00
C VAL A 15 0.58 -0.25 -0.92
N LEU A 16 0.56 -1.44 -0.32
CA LEU A 16 0.37 -2.67 -1.08
C LEU A 16 -0.96 -2.65 -1.83
N LEU A 17 -2.04 -2.37 -1.11
CA LEU A 17 -3.37 -2.33 -1.72
C LEU A 17 -3.48 -1.20 -2.74
N PHE A 18 -2.59 -0.22 -2.63
CA PHE A 18 -2.60 0.92 -3.55
C PHE A 18 -2.10 0.52 -4.95
N PHE A 19 -0.90 -0.06 -5.00
CA PHE A 19 -0.31 -0.47 -6.27
C PHE A 19 -1.11 -1.59 -6.92
N VAL A 20 -1.53 -2.57 -6.13
CA VAL A 20 -2.30 -3.70 -6.67
C VAL A 20 -3.73 -3.28 -7.01
N GLY A 21 -4.22 -2.23 -6.35
CA GLY A 21 -5.57 -1.76 -6.60
C GLY A 21 -5.66 -0.89 -7.84
N CYS A 22 -4.50 -0.41 -8.31
CA CYS A 22 -4.46 0.44 -9.50
C CYS A 22 -4.36 -0.40 -10.77
N GLY A 23 -3.41 -1.34 -10.77
CA GLY A 23 -3.22 -2.19 -11.93
C GLY A 23 -4.47 -2.93 -12.33
N VAL A 24 -5.24 -3.39 -11.35
CA VAL A 24 -6.48 -4.12 -11.61
C VAL A 24 -7.48 -3.26 -12.36
N LEU A 25 -7.44 -1.95 -12.10
CA LEU A 25 -8.35 -1.02 -12.76
C LEU A 25 -7.85 -0.67 -14.16
N LEU A 26 -6.53 -0.69 -14.33
CA LEU A 26 -5.92 -0.37 -15.62
C LEU A 26 -6.42 -1.30 -16.71
N SER A 27 -6.97 -2.45 -16.31
CA SER A 27 -7.48 -3.43 -17.25
C SER A 27 -8.83 -3.00 -17.83
N LYS A 28 -9.77 -2.65 -16.95
CA LYS A 28 -11.09 -2.22 -17.38
C LYS A 28 -11.05 -0.82 -18.00
N LYS A 29 -10.60 0.16 -17.23
CA LYS A 29 -10.52 1.53 -17.71
C LYS A 29 -9.37 2.28 -17.04
N LYS A 30 -9.63 2.81 -15.85
CA LYS A 30 -8.62 3.56 -15.10
C LYS A 30 -9.14 3.95 -13.72
N LYS A 1 12.35 7.60 18.71
CA LYS A 1 12.00 7.48 17.27
C LYS A 1 11.30 6.15 17.00
N LYS A 2 11.26 5.28 18.00
CA LYS A 2 10.61 3.98 17.86
C LYS A 2 9.10 4.14 17.75
N LYS A 3 8.54 4.99 18.61
CA LYS A 3 7.09 5.23 18.61
C LYS A 3 6.66 5.96 17.35
N LEU A 4 7.54 6.82 16.83
CA LEU A 4 7.24 7.59 15.64
C LEU A 4 7.33 6.72 14.39
N HIS A 5 8.19 5.71 14.44
CA HIS A 5 8.38 4.80 13.32
C HIS A 5 7.19 3.85 13.17
N PHE A 6 6.54 3.56 14.29
CA PHE A 6 5.38 2.67 14.29
C PHE A 6 4.18 3.33 13.64
N MET A 7 4.24 4.65 13.48
CA MET A 7 3.15 5.40 12.86
C MET A 7 3.20 5.30 11.34
N TYR A 8 4.40 5.12 10.79
CA TYR A 8 4.57 5.02 9.34
C TYR A 8 4.39 3.58 8.84
N VAL A 9 4.75 2.62 9.69
CA VAL A 9 4.65 1.21 9.30
C VAL A 9 3.21 0.83 8.94
N LEU A 10 2.25 1.51 9.55
CA LEU A 10 0.84 1.24 9.29
C LEU A 10 0.45 1.72 7.90
N LEU A 11 1.25 2.63 7.35
CA LEU A 11 1.00 3.19 6.03
C LEU A 11 1.38 2.17 4.95
N LEU A 12 2.47 1.46 5.17
CA LEU A 12 2.95 0.46 4.23
C LEU A 12 1.85 -0.51 3.82
N LEU A 13 1.07 -0.95 4.81
CA LEU A 13 -0.02 -1.89 4.55
C LEU A 13 -0.94 -1.37 3.46
N PHE A 14 -1.19 -0.06 3.47
CA PHE A 14 -2.06 0.57 2.48
C PHE A 14 -1.34 0.66 1.13
N VAL A 15 -0.01 0.72 1.17
CA VAL A 15 0.79 0.81 -0.03
C VAL A 15 0.70 -0.46 -0.87
N LEU A 16 0.69 -1.61 -0.19
CA LEU A 16 0.61 -2.89 -0.89
C LEU A 16 -0.63 -2.99 -1.77
N LEU A 17 -1.80 -2.84 -1.16
CA LEU A 17 -3.06 -2.91 -1.88
C LEU A 17 -3.14 -1.82 -2.96
N PHE A 18 -2.33 -0.78 -2.81
CA PHE A 18 -2.32 0.32 -3.77
C PHE A 18 -1.59 -0.07 -5.05
N PHE A 19 -0.47 -0.77 -4.91
CA PHE A 19 0.31 -1.19 -6.07
C PHE A 19 -0.29 -2.43 -6.74
N VAL A 20 -0.75 -3.37 -5.94
CA VAL A 20 -1.34 -4.60 -6.47
C VAL A 20 -2.75 -4.36 -6.99
N GLY A 21 -3.39 -3.30 -6.51
CA GLY A 21 -4.74 -2.98 -6.93
C GLY A 21 -4.78 -2.20 -8.24
N CYS A 22 -3.92 -1.19 -8.34
CA CYS A 22 -3.85 -0.36 -9.54
C CYS A 22 -2.90 -0.96 -10.59
N GLY A 23 -1.91 -1.72 -10.11
CA GLY A 23 -0.95 -2.34 -11.01
C GLY A 23 -1.58 -3.19 -12.08
N VAL A 24 -2.80 -3.65 -11.83
CA VAL A 24 -3.50 -4.49 -12.79
C VAL A 24 -3.90 -3.70 -14.04
N LEU A 25 -4.22 -2.43 -13.85
CA LEU A 25 -4.62 -1.56 -14.96
C LEU A 25 -3.40 -1.16 -15.79
N LEU A 26 -2.28 -0.92 -15.12
CA LEU A 26 -1.06 -0.53 -15.80
C LEU A 26 -0.51 -1.67 -16.65
N SER A 27 -0.96 -2.89 -16.37
CA SER A 27 -0.53 -4.05 -17.12
C SER A 27 -0.87 -3.90 -18.59
N LYS A 28 -2.08 -3.45 -18.87
CA LYS A 28 -2.54 -3.25 -20.24
C LYS A 28 -1.99 -1.94 -20.80
N LYS A 29 -1.53 -1.07 -19.91
CA LYS A 29 -0.98 0.22 -20.30
C LYS A 29 0.54 0.24 -20.12
N LYS A 30 1.24 -0.37 -21.08
CA LYS A 30 2.70 -0.44 -21.05
C LYS A 30 3.26 -0.72 -22.43
N LYS A 1 12.85 5.66 18.71
CA LYS A 1 12.30 5.85 17.36
C LYS A 1 11.32 4.73 17.01
N LYS A 2 10.89 3.97 18.01
CA LYS A 2 9.95 2.87 17.81
C LYS A 2 8.52 3.38 17.71
N LYS A 3 8.16 4.29 18.63
CA LYS A 3 6.82 4.85 18.67
C LYS A 3 6.50 5.66 17.42
N LEU A 4 7.41 6.56 17.06
CA LEU A 4 7.24 7.41 15.88
C LEU A 4 7.14 6.58 14.61
N HIS A 5 8.11 5.71 14.38
CA HIS A 5 8.14 4.88 13.19
C HIS A 5 6.94 3.95 13.12
N PHE A 6 6.38 3.61 14.30
CA PHE A 6 5.23 2.72 14.35
C PHE A 6 4.03 3.34 13.64
N MET A 7 4.06 4.66 13.45
CA MET A 7 2.97 5.36 12.80
C MET A 7 3.11 5.32 11.28
N TYR A 8 4.34 5.15 10.80
CA TYR A 8 4.60 5.10 9.37
C TYR A 8 4.45 3.68 8.84
N VAL A 9 4.86 2.70 9.65
CA VAL A 9 4.78 1.30 9.25
C VAL A 9 3.34 0.91 8.91
N LEU A 10 2.39 1.64 9.46
CA LEU A 10 0.98 1.39 9.22
C LEU A 10 0.63 1.72 7.77
N LEU A 11 1.30 2.73 7.23
CA LEU A 11 1.08 3.17 5.86
C LEU A 11 1.52 2.09 4.87
N LEU A 12 2.64 1.43 5.18
CA LEU A 12 3.18 0.38 4.33
C LEU A 12 2.11 -0.66 3.99
N LEU A 13 1.26 -0.95 4.96
CA LEU A 13 0.18 -1.93 4.76
C LEU A 13 -0.74 -1.47 3.65
N PHE A 14 -1.04 -0.18 3.64
CA PHE A 14 -1.92 0.39 2.63
C PHE A 14 -1.26 0.39 1.26
N VAL A 15 0.06 0.53 1.25
CA VAL A 15 0.82 0.55 0.00
C VAL A 15 0.65 -0.76 -0.77
N LEU A 16 0.44 -1.85 -0.03
CA LEU A 16 0.26 -3.16 -0.64
C LEU A 16 -0.91 -3.15 -1.63
N LEU A 17 -2.09 -2.78 -1.13
CA LEU A 17 -3.29 -2.72 -1.96
C LEU A 17 -3.08 -1.84 -3.19
N PHE A 18 -2.18 -0.88 -3.08
CA PHE A 18 -1.89 0.04 -4.18
C PHE A 18 -1.18 -0.68 -5.31
N PHE A 19 -0.24 -1.56 -4.96
CA PHE A 19 0.52 -2.32 -5.95
C PHE A 19 -0.27 -3.53 -6.44
N VAL A 20 -0.65 -4.39 -5.51
CA VAL A 20 -1.40 -5.61 -5.84
C VAL A 20 -2.74 -5.27 -6.51
N GLY A 21 -3.19 -4.04 -6.30
CA GLY A 21 -4.46 -3.62 -6.89
C GLY A 21 -4.45 -3.68 -8.40
N CYS A 22 -3.26 -3.67 -8.99
CA CYS A 22 -3.13 -3.74 -10.44
C CYS A 22 -3.08 -5.19 -10.92
N GLY A 23 -2.63 -6.08 -10.05
CA GLY A 23 -2.54 -7.49 -10.41
C GLY A 23 -3.85 -8.22 -10.22
N VAL A 24 -4.66 -7.76 -9.27
CA VAL A 24 -5.95 -8.39 -8.98
C VAL A 24 -6.90 -8.22 -10.17
N LEU A 25 -6.73 -7.15 -10.93
CA LEU A 25 -7.56 -6.88 -12.10
C LEU A 25 -7.36 -7.95 -13.17
N LEU A 26 -6.12 -8.39 -13.34
CA LEU A 26 -5.80 -9.40 -14.34
C LEU A 26 -6.22 -10.79 -13.86
N SER A 27 -6.45 -10.92 -12.55
CA SER A 27 -6.85 -12.19 -11.97
C SER A 27 -8.26 -12.57 -12.41
N LYS A 28 -9.01 -11.59 -12.87
CA LYS A 28 -10.38 -11.83 -13.33
C LYS A 28 -10.40 -12.65 -14.62
N LYS A 29 -9.38 -12.44 -15.44
CA LYS A 29 -9.27 -13.15 -16.72
C LYS A 29 -7.81 -13.28 -17.14
N LYS A 30 -7.34 -14.52 -17.23
CA LYS A 30 -5.96 -14.78 -17.63
C LYS A 30 -5.73 -14.41 -19.09
N LYS A 1 9.85 8.16 19.60
CA LYS A 1 10.77 7.23 18.91
C LYS A 1 10.02 6.01 18.36
N LYS A 2 9.36 5.29 19.25
CA LYS A 2 8.60 4.10 18.86
C LYS A 2 7.25 4.49 18.26
N LYS A 3 6.59 5.46 18.87
CA LYS A 3 5.29 5.93 18.40
C LYS A 3 5.42 6.61 17.04
N LEU A 4 6.62 7.07 16.72
CA LEU A 4 6.86 7.75 15.45
C LEU A 4 7.03 6.75 14.31
N HIS A 5 7.97 5.83 14.48
CA HIS A 5 8.24 4.81 13.47
C HIS A 5 7.03 3.91 13.25
N PHE A 6 6.43 3.45 14.35
CA PHE A 6 5.28 2.57 14.28
C PHE A 6 4.09 3.26 13.62
N MET A 7 4.16 4.58 13.49
CA MET A 7 3.09 5.36 12.89
C MET A 7 3.16 5.30 11.37
N TYR A 8 4.36 5.14 10.83
CA TYR A 8 4.55 5.10 9.38
C TYR A 8 4.41 3.67 8.84
N VAL A 9 4.79 2.69 9.64
CA VAL A 9 4.72 1.29 9.22
C VAL A 9 3.30 0.89 8.83
N LEU A 10 2.31 1.54 9.42
CA LEU A 10 0.91 1.25 9.12
C LEU A 10 0.56 1.70 7.69
N LEU A 11 1.30 2.68 7.20
CA LEU A 11 1.08 3.20 5.86
C LEU A 11 1.48 2.17 4.81
N LEU A 12 2.60 1.48 5.04
CA LEU A 12 3.09 0.47 4.12
C LEU A 12 2.00 -0.55 3.80
N LEU A 13 1.22 -0.92 4.82
CA LEU A 13 0.14 -1.90 4.63
C LEU A 13 -0.83 -1.42 3.56
N PHE A 14 -1.03 -0.11 3.50
CA PHE A 14 -1.93 0.48 2.51
C PHE A 14 -1.26 0.55 1.14
N VAL A 15 0.07 0.66 1.14
CA VAL A 15 0.83 0.74 -0.10
C VAL A 15 0.68 -0.53 -0.93
N LEU A 16 0.66 -1.67 -0.25
CA LEU A 16 0.52 -2.96 -0.93
C LEU A 16 -0.76 -3.02 -1.77
N LEU A 17 -1.90 -2.94 -1.09
CA LEU A 17 -3.20 -2.98 -1.75
C LEU A 17 -3.34 -1.86 -2.79
N PHE A 18 -2.53 -0.82 -2.66
CA PHE A 18 -2.58 0.30 -3.59
C PHE A 18 -2.02 -0.09 -4.96
N PHE A 19 -0.86 -0.72 -4.97
CA PHE A 19 -0.22 -1.13 -6.22
C PHE A 19 -0.89 -2.37 -6.81
N VAL A 20 -0.93 -3.44 -6.03
CA VAL A 20 -1.54 -4.70 -6.48
C VAL A 20 -3.01 -4.50 -6.85
N GLY A 21 -3.61 -3.43 -6.34
CA GLY A 21 -5.01 -3.15 -6.62
C GLY A 21 -5.28 -2.92 -8.10
N CYS A 22 -4.33 -2.30 -8.79
CA CYS A 22 -4.48 -2.01 -10.21
C CYS A 22 -4.47 -3.30 -11.04
N GLY A 23 -3.89 -4.35 -10.48
CA GLY A 23 -3.82 -5.62 -11.18
C GLY A 23 -5.08 -6.45 -11.03
N VAL A 24 -5.65 -6.47 -9.83
CA VAL A 24 -6.85 -7.23 -9.55
C VAL A 24 -8.10 -6.57 -10.15
N LEU A 25 -8.17 -5.25 -10.06
CA LEU A 25 -9.31 -4.51 -10.60
C LEU A 25 -9.43 -4.69 -12.11
N LEU A 26 -8.28 -4.86 -12.77
CA LEU A 26 -8.26 -5.04 -14.21
C LEU A 26 -9.04 -6.28 -14.63
N SER A 27 -8.76 -7.40 -13.97
CA SER A 27 -9.42 -8.66 -14.28
C SER A 27 -10.91 -8.60 -13.95
N LYS A 28 -11.28 -7.67 -13.08
CA LYS A 28 -12.68 -7.51 -12.68
C LYS A 28 -13.46 -6.70 -13.72
N LYS A 29 -13.02 -5.48 -13.96
CA LYS A 29 -13.68 -4.60 -14.93
C LYS A 29 -12.65 -3.85 -15.78
N LYS A 30 -12.56 -4.24 -17.05
CA LYS A 30 -11.62 -3.61 -17.97
C LYS A 30 -10.19 -3.72 -17.47
N LYS A 1 11.01 8.99 18.24
CA LYS A 1 11.26 8.44 16.88
C LYS A 1 10.58 7.09 16.71
N LYS A 2 10.38 6.40 17.82
CA LYS A 2 9.75 5.08 17.80
C LYS A 2 8.24 5.21 17.58
N LYS A 3 7.62 6.16 18.28
CA LYS A 3 6.19 6.38 18.18
C LYS A 3 5.83 6.90 16.79
N LEU A 4 6.82 7.49 16.11
CA LEU A 4 6.61 8.02 14.77
C LEU A 4 6.82 6.93 13.73
N HIS A 5 7.69 5.96 14.05
CA HIS A 5 7.97 4.86 13.14
C HIS A 5 6.82 3.86 13.10
N PHE A 6 6.16 3.69 14.24
CA PHE A 6 5.04 2.76 14.34
C PHE A 6 3.84 3.28 13.55
N MET A 7 3.85 4.58 13.26
CA MET A 7 2.76 5.21 12.52
C MET A 7 2.98 5.07 11.02
N TYR A 8 4.23 4.90 10.62
CA TYR A 8 4.57 4.75 9.21
C TYR A 8 4.48 3.29 8.76
N VAL A 9 4.84 2.37 9.65
CA VAL A 9 4.80 0.95 9.34
C VAL A 9 3.39 0.51 8.93
N LEU A 10 2.38 1.14 9.53
CA LEU A 10 1.00 0.81 9.20
C LEU A 10 0.62 1.37 7.84
N LEU A 11 1.36 2.39 7.40
CA LEU A 11 1.12 3.02 6.11
C LEU A 11 1.51 2.06 4.98
N LEU A 12 2.56 1.27 5.21
CA LEU A 12 3.04 0.32 4.21
C LEU A 12 1.93 -0.64 3.81
N LEU A 13 1.13 -1.07 4.78
CA LEU A 13 0.03 -1.98 4.51
C LEU A 13 -0.95 -1.36 3.53
N PHE A 14 -1.03 -0.03 3.55
CA PHE A 14 -1.92 0.70 2.66
C PHE A 14 -1.27 0.86 1.29
N VAL A 15 0.05 0.91 1.27
CA VAL A 15 0.80 1.06 0.02
C VAL A 15 0.69 -0.21 -0.84
N LEU A 16 0.79 -1.37 -0.19
CA LEU A 16 0.70 -2.64 -0.89
C LEU A 16 -0.60 -2.74 -1.67
N LEU A 17 -1.72 -2.57 -0.98
CA LEU A 17 -3.04 -2.65 -1.60
C LEU A 17 -3.26 -1.49 -2.56
N PHE A 18 -2.49 -0.43 -2.39
CA PHE A 18 -2.61 0.76 -3.24
C PHE A 18 -2.12 0.47 -4.66
N PHE A 19 -1.00 -0.24 -4.77
CA PHE A 19 -0.42 -0.57 -6.07
C PHE A 19 -1.12 -1.76 -6.71
N VAL A 20 -1.37 -2.81 -5.93
CA VAL A 20 -2.02 -4.01 -6.44
C VAL A 20 -3.52 -3.82 -6.58
N GLY A 21 -4.06 -2.84 -5.86
CA GLY A 21 -5.49 -2.57 -5.91
C GLY A 21 -5.90 -1.77 -7.14
N CYS A 22 -5.22 -0.64 -7.34
CA CYS A 22 -5.52 0.23 -8.48
C CYS A 22 -4.75 -0.21 -9.72
N GLY A 23 -3.64 -0.90 -9.50
CA GLY A 23 -2.82 -1.37 -10.61
C GLY A 23 -3.57 -2.35 -11.51
N VAL A 24 -4.27 -3.30 -10.87
CA VAL A 24 -5.02 -4.31 -11.62
C VAL A 24 -6.14 -3.65 -12.44
N LEU A 25 -6.60 -2.50 -11.99
CA LEU A 25 -7.67 -1.77 -12.67
C LEU A 25 -7.16 -1.15 -13.98
N LEU A 26 -5.97 -0.56 -13.92
CA LEU A 26 -5.37 0.06 -15.09
C LEU A 26 -4.86 -0.99 -16.06
N SER A 27 -4.52 -2.16 -15.54
CA SER A 27 -4.01 -3.24 -16.37
C SER A 27 -5.06 -3.70 -17.38
N LYS A 28 -6.33 -3.61 -17.01
CA LYS A 28 -7.42 -4.01 -17.90
C LYS A 28 -7.87 -2.86 -18.79
N LYS A 29 -8.29 -1.77 -18.16
CA LYS A 29 -8.76 -0.59 -18.89
C LYS A 29 -7.71 0.52 -18.87
N LYS A 30 -8.17 1.76 -18.77
CA LYS A 30 -7.25 2.91 -18.74
C LYS A 30 -7.98 4.16 -18.25
N LYS A 1 12.12 8.14 19.72
CA LYS A 1 11.14 8.58 18.68
C LYS A 1 10.64 7.39 17.88
N LYS A 2 10.85 6.20 18.41
CA LYS A 2 10.42 4.97 17.75
C LYS A 2 8.90 4.94 17.57
N LYS A 3 8.20 5.64 18.47
CA LYS A 3 6.74 5.70 18.42
C LYS A 3 6.26 6.32 17.12
N LEU A 4 7.11 7.14 16.50
CA LEU A 4 6.77 7.80 15.25
C LEU A 4 6.80 6.81 14.08
N HIS A 5 7.71 5.84 14.17
CA HIS A 5 7.85 4.83 13.13
C HIS A 5 6.66 3.88 13.13
N PHE A 6 6.07 3.67 14.31
CA PHE A 6 4.93 2.78 14.46
C PHE A 6 3.73 3.33 13.68
N MET A 7 3.79 4.60 13.30
CA MET A 7 2.71 5.23 12.56
C MET A 7 2.95 5.12 11.05
N TYR A 8 4.21 4.99 10.66
CA TYR A 8 4.56 4.89 9.25
C TYR A 8 4.52 3.42 8.79
N VAL A 9 4.95 2.52 9.67
CA VAL A 9 4.96 1.09 9.35
C VAL A 9 3.57 0.59 9.00
N LEU A 10 2.55 1.20 9.59
CA LEU A 10 1.16 0.81 9.33
C LEU A 10 0.72 1.34 7.96
N LEU A 11 1.37 2.40 7.51
CA LEU A 11 1.06 2.99 6.22
C LEU A 11 1.41 2.02 5.09
N LEU A 12 2.45 1.23 5.31
CA LEU A 12 2.89 0.26 4.31
C LEU A 12 1.76 -0.67 3.91
N LEU A 13 0.84 -0.94 4.84
CA LEU A 13 -0.29 -1.80 4.56
C LEU A 13 -1.15 -1.20 3.45
N PHE A 14 -1.27 0.13 3.45
CA PHE A 14 -2.05 0.82 2.45
C PHE A 14 -1.28 0.88 1.13
N VAL A 15 0.05 0.82 1.24
CA VAL A 15 0.90 0.86 0.06
C VAL A 15 0.82 -0.46 -0.72
N LEU A 16 0.86 -1.57 0.02
CA LEU A 16 0.79 -2.89 -0.61
C LEU A 16 -0.45 -3.01 -1.47
N LEU A 17 -1.61 -2.73 -0.88
CA LEU A 17 -2.88 -2.81 -1.60
C LEU A 17 -2.95 -1.77 -2.71
N PHE A 18 -2.11 -0.74 -2.61
CA PHE A 18 -2.09 0.32 -3.62
C PHE A 18 -1.35 -0.15 -4.88
N PHE A 19 -0.29 -0.92 -4.68
CA PHE A 19 0.49 -1.43 -5.80
C PHE A 19 -0.17 -2.65 -6.44
N VAL A 20 -0.71 -3.52 -5.60
CA VAL A 20 -1.38 -4.73 -6.09
C VAL A 20 -2.81 -4.46 -6.50
N GLY A 21 -3.37 -3.36 -5.99
CA GLY A 21 -4.73 -2.99 -6.31
C GLY A 21 -4.84 -2.26 -7.64
N CYS A 22 -3.89 -1.37 -7.90
CA CYS A 22 -3.88 -0.60 -9.15
C CYS A 22 -3.63 -1.50 -10.35
N GLY A 23 -3.12 -2.70 -10.08
CA GLY A 23 -2.83 -3.65 -11.15
C GLY A 23 -4.05 -3.96 -12.01
N VAL A 24 -5.22 -4.06 -11.38
CA VAL A 24 -6.44 -4.37 -12.12
C VAL A 24 -6.90 -3.16 -12.94
N LEU A 25 -6.54 -1.97 -12.48
CA LEU A 25 -6.91 -0.74 -13.17
C LEU A 25 -6.05 -0.54 -14.42
N LEU A 26 -4.78 -0.92 -14.32
CA LEU A 26 -3.85 -0.78 -15.43
C LEU A 26 -4.10 -1.86 -16.49
N SER A 27 -4.51 -3.04 -16.03
CA SER A 27 -4.79 -4.16 -16.92
C SER A 27 -6.10 -3.94 -17.67
N LYS A 28 -6.94 -3.05 -17.14
CA LYS A 28 -8.22 -2.74 -17.75
C LYS A 28 -8.06 -1.69 -18.85
N LYS A 29 -7.30 -0.64 -18.55
CA LYS A 29 -7.07 0.44 -19.52
C LYS A 29 -6.15 -0.02 -20.64
N LYS A 30 -4.93 -0.39 -20.27
CA LYS A 30 -3.94 -0.85 -21.26
C LYS A 30 -3.22 -2.10 -20.75
N LYS A 1 11.78 6.52 20.38
CA LYS A 1 10.72 7.06 19.50
C LYS A 1 10.13 5.95 18.63
N LYS A 2 9.93 4.78 19.23
CA LYS A 2 9.37 3.64 18.52
C LYS A 2 7.91 3.89 18.15
N LYS A 3 7.23 4.69 18.97
CA LYS A 3 5.82 5.00 18.73
C LYS A 3 5.66 5.87 17.49
N LEU A 4 6.68 6.68 17.20
CA LEU A 4 6.63 7.56 16.03
C LEU A 4 6.83 6.77 14.75
N HIS A 5 7.82 5.88 14.74
CA HIS A 5 8.11 5.06 13.58
C HIS A 5 6.99 4.07 13.32
N PHE A 6 6.26 3.71 14.37
CA PHE A 6 5.15 2.77 14.26
C PHE A 6 4.00 3.37 13.45
N MET A 7 4.03 4.69 13.28
CA MET A 7 2.99 5.38 12.53
C MET A 7 3.17 5.22 11.04
N TYR A 8 4.42 5.04 10.61
CA TYR A 8 4.73 4.89 9.18
C TYR A 8 4.62 3.44 8.72
N VAL A 9 5.03 2.51 9.58
CA VAL A 9 4.98 1.09 9.25
C VAL A 9 3.58 0.64 8.85
N LEU A 10 2.56 1.35 9.34
CA LEU A 10 1.17 1.02 9.01
C LEU A 10 0.83 1.46 7.60
N LEU A 11 1.48 2.54 7.15
CA LEU A 11 1.23 3.08 5.82
C LEU A 11 1.62 2.05 4.75
N LEU A 12 2.73 1.35 4.99
CA LEU A 12 3.21 0.34 4.05
C LEU A 12 2.11 -0.63 3.66
N LEU A 13 1.35 -1.08 4.66
CA LEU A 13 0.26 -2.02 4.42
C LEU A 13 -0.74 -1.43 3.43
N PHE A 14 -0.98 -0.13 3.55
CA PHE A 14 -1.90 0.56 2.66
C PHE A 14 -1.33 0.62 1.24
N VAL A 15 -0.01 0.75 1.15
CA VAL A 15 0.66 0.81 -0.14
C VAL A 15 0.45 -0.48 -0.94
N LEU A 16 0.44 -1.60 -0.23
CA LEU A 16 0.25 -2.90 -0.86
C LEU A 16 -1.09 -2.99 -1.58
N LEU A 17 -2.16 -2.70 -0.84
CA LEU A 17 -3.51 -2.76 -1.39
C LEU A 17 -3.72 -1.70 -2.48
N PHE A 18 -2.86 -0.69 -2.50
CA PHE A 18 -2.97 0.37 -3.49
C PHE A 18 -2.30 -0.02 -4.81
N PHE A 19 -1.20 -0.77 -4.72
CA PHE A 19 -0.47 -1.20 -5.90
C PHE A 19 -1.11 -2.42 -6.56
N VAL A 20 -1.69 -3.29 -5.75
CA VAL A 20 -2.34 -4.50 -6.27
C VAL A 20 -3.44 -4.15 -7.26
N GLY A 21 -4.01 -2.95 -7.12
CA GLY A 21 -5.08 -2.52 -8.01
C GLY A 21 -4.58 -2.20 -9.40
N CYS A 22 -3.43 -1.54 -9.49
CA CYS A 22 -2.86 -1.17 -10.77
C CYS A 22 -2.00 -2.30 -11.34
N GLY A 23 -1.61 -3.23 -10.48
CA GLY A 23 -0.78 -4.34 -10.91
C GLY A 23 -1.56 -5.39 -11.67
N VAL A 24 -2.84 -5.54 -11.34
CA VAL A 24 -3.68 -6.53 -12.00
C VAL A 24 -4.05 -6.09 -13.41
N LEU A 25 -4.07 -4.77 -13.63
CA LEU A 25 -4.42 -4.22 -14.93
C LEU A 25 -3.33 -4.55 -15.96
N LEU A 26 -2.08 -4.23 -15.62
CA LEU A 26 -0.96 -4.49 -16.51
C LEU A 26 -0.73 -5.98 -16.68
N SER A 27 -1.10 -6.76 -15.65
CA SER A 27 -0.93 -8.20 -15.69
C SER A 27 -1.84 -8.83 -16.75
N LYS A 28 -2.92 -8.13 -17.09
CA LYS A 28 -3.86 -8.61 -18.09
C LYS A 28 -3.37 -8.30 -19.50
N LYS A 29 -2.44 -7.35 -19.60
CA LYS A 29 -1.87 -6.97 -20.89
C LYS A 29 -1.12 -8.13 -21.52
N LYS A 30 -0.16 -8.69 -20.79
CA LYS A 30 0.63 -9.80 -21.27
C LYS A 30 1.30 -10.54 -20.12
N LYS A 1 11.15 7.75 19.78
CA LYS A 1 11.53 7.68 18.34
C LYS A 1 10.85 6.49 17.67
N LYS A 2 10.85 5.35 18.36
CA LYS A 2 10.23 4.14 17.83
C LYS A 2 8.72 4.26 17.80
N LYS A 3 8.19 5.13 18.66
CA LYS A 3 6.74 5.35 18.74
C LYS A 3 6.26 6.16 17.54
N LEU A 4 7.15 6.93 16.93
CA LEU A 4 6.81 7.75 15.79
C LEU A 4 6.87 6.95 14.50
N HIS A 5 7.86 6.07 14.41
CA HIS A 5 8.03 5.24 13.22
C HIS A 5 6.91 4.20 13.11
N PHE A 6 6.27 3.92 14.25
CA PHE A 6 5.18 2.95 14.28
C PHE A 6 3.97 3.49 13.52
N MET A 7 3.97 4.79 13.26
CA MET A 7 2.86 5.42 12.55
C MET A 7 3.02 5.25 11.04
N TYR A 8 4.25 5.12 10.58
CA TYR A 8 4.52 4.95 9.15
C TYR A 8 4.48 3.48 8.73
N VAL A 9 4.90 2.59 9.61
CA VAL A 9 4.91 1.16 9.32
C VAL A 9 3.52 0.65 8.94
N LEU A 10 2.49 1.29 9.49
CA LEU A 10 1.11 0.90 9.19
C LEU A 10 0.73 1.29 7.77
N LEU A 11 1.35 2.35 7.26
CA LEU A 11 1.08 2.83 5.92
C LEU A 11 1.59 1.84 4.87
N LEU A 12 2.63 1.10 5.22
CA LEU A 12 3.21 0.12 4.30
C LEU A 12 2.15 -0.90 3.87
N LEU A 13 1.19 -1.15 4.76
CA LEU A 13 0.11 -2.09 4.47
C LEU A 13 -0.90 -1.44 3.53
N PHE A 14 -0.93 -0.11 3.55
CA PHE A 14 -1.83 0.66 2.70
C PHE A 14 -1.24 0.82 1.30
N VAL A 15 0.08 0.72 1.21
CA VAL A 15 0.78 0.83 -0.08
C VAL A 15 0.64 -0.45 -0.88
N LEU A 16 0.49 -1.57 -0.18
CA LEU A 16 0.35 -2.88 -0.82
C LEU A 16 -0.86 -2.92 -1.74
N LEU A 17 -2.05 -2.75 -1.14
CA LEU A 17 -3.29 -2.78 -1.90
C LEU A 17 -3.27 -1.83 -3.10
N PHE A 18 -2.37 -0.86 -3.06
CA PHE A 18 -2.25 0.11 -4.15
C PHE A 18 -1.52 -0.51 -5.35
N PHE A 19 -0.38 -1.15 -5.08
CA PHE A 19 0.40 -1.77 -6.14
C PHE A 19 -0.16 -3.13 -6.54
N VAL A 20 -0.35 -4.01 -5.56
CA VAL A 20 -0.88 -5.35 -5.82
C VAL A 20 -2.21 -5.29 -6.55
N GLY A 21 -2.91 -4.17 -6.41
CA GLY A 21 -4.20 -4.00 -7.07
C GLY A 21 -4.07 -3.99 -8.59
N CYS A 22 -3.18 -3.14 -9.09
CA CYS A 22 -2.96 -3.03 -10.53
C CYS A 22 -1.96 -4.08 -11.01
N GLY A 23 -1.21 -4.65 -10.08
CA GLY A 23 -0.23 -5.65 -10.41
C GLY A 23 -0.86 -6.98 -10.79
N VAL A 24 -1.81 -7.43 -9.99
CA VAL A 24 -2.50 -8.70 -10.25
C VAL A 24 -3.24 -8.66 -11.58
N LEU A 25 -3.68 -7.46 -11.96
CA LEU A 25 -4.41 -7.28 -13.21
C LEU A 25 -3.45 -7.22 -14.40
N LEU A 26 -2.31 -6.57 -14.20
CA LEU A 26 -1.30 -6.43 -15.24
C LEU A 26 -0.79 -7.80 -15.68
N SER A 27 -0.85 -8.77 -14.78
CA SER A 27 -0.39 -10.13 -15.08
C SER A 27 -1.40 -10.87 -15.94
N LYS A 28 -2.66 -10.42 -15.89
CA LYS A 28 -3.72 -11.05 -16.66
C LYS A 28 -3.82 -10.45 -18.05
N LYS A 29 -3.26 -9.25 -18.20
CA LYS A 29 -3.28 -8.55 -19.49
C LYS A 29 -2.02 -8.84 -20.29
N LYS A 30 -0.86 -8.71 -19.64
CA LYS A 30 0.41 -8.95 -20.30
C LYS A 30 0.75 -10.44 -20.32
N LYS A 1 9.09 4.28 22.02
CA LYS A 1 10.18 4.39 21.00
C LYS A 1 9.74 3.79 19.67
N LYS A 2 9.49 2.48 19.67
CA LYS A 2 9.07 1.78 18.47
C LYS A 2 7.68 2.24 18.02
N LYS A 3 6.91 2.77 18.96
CA LYS A 3 5.56 3.24 18.66
C LYS A 3 5.59 4.45 17.73
N LEU A 4 6.65 5.25 17.82
CA LEU A 4 6.79 6.44 16.99
C LEU A 4 6.84 6.06 15.51
N HIS A 5 7.78 5.18 15.16
CA HIS A 5 7.94 4.74 13.78
C HIS A 5 6.81 3.80 13.37
N PHE A 6 6.12 3.24 14.36
CA PHE A 6 5.02 2.33 14.10
C PHE A 6 3.87 3.03 13.39
N MET A 7 3.90 4.37 13.41
CA MET A 7 2.85 5.15 12.76
C MET A 7 3.06 5.19 11.25
N TYR A 8 4.30 5.00 10.82
CA TYR A 8 4.62 5.02 9.39
C TYR A 8 4.41 3.65 8.75
N VAL A 9 4.73 2.59 9.50
CA VAL A 9 4.58 1.23 8.99
C VAL A 9 3.13 0.95 8.60
N LEU A 10 2.20 1.67 9.21
CA LEU A 10 0.79 1.51 8.92
C LEU A 10 0.50 1.91 7.47
N LEU A 11 1.29 2.87 6.98
CA LEU A 11 1.14 3.36 5.62
C LEU A 11 1.55 2.27 4.62
N LEU A 12 2.67 1.60 4.90
CA LEU A 12 3.16 0.54 4.04
C LEU A 12 2.08 -0.50 3.77
N LEU A 13 1.27 -0.79 4.79
CA LEU A 13 0.19 -1.76 4.65
C LEU A 13 -0.81 -1.30 3.59
N PHE A 14 -0.98 0.02 3.50
CA PHE A 14 -1.90 0.61 2.53
C PHE A 14 -1.29 0.60 1.14
N VAL A 15 0.04 0.72 1.08
CA VAL A 15 0.74 0.73 -0.19
C VAL A 15 0.51 -0.57 -0.95
N LEU A 16 0.66 -1.70 -0.26
CA LEU A 16 0.46 -3.01 -0.87
C LEU A 16 -0.94 -3.12 -1.47
N LEU A 17 -1.95 -2.90 -0.65
CA LEU A 17 -3.34 -2.99 -1.10
C LEU A 17 -3.64 -1.94 -2.16
N PHE A 18 -2.82 -0.89 -2.22
CA PHE A 18 -3.01 0.18 -3.19
C PHE A 18 -2.63 -0.29 -4.59
N PHE A 19 -1.42 -0.79 -4.75
CA PHE A 19 -0.93 -1.27 -6.04
C PHE A 19 -1.75 -2.46 -6.54
N VAL A 20 -1.92 -3.46 -5.69
CA VAL A 20 -2.67 -4.66 -6.04
C VAL A 20 -4.13 -4.34 -6.30
N GLY A 21 -4.59 -3.20 -5.76
CA GLY A 21 -5.97 -2.81 -5.93
C GLY A 21 -6.35 -2.55 -7.38
N CYS A 22 -5.38 -2.14 -8.18
CA CYS A 22 -5.63 -1.86 -9.59
C CYS A 22 -6.03 -3.13 -10.34
N GLY A 23 -5.73 -4.28 -9.74
CA GLY A 23 -6.06 -5.54 -10.37
C GLY A 23 -7.50 -5.98 -10.12
N VAL A 24 -8.01 -5.67 -8.93
CA VAL A 24 -9.38 -6.03 -8.57
C VAL A 24 -10.39 -5.03 -9.14
N LEU A 25 -9.96 -3.79 -9.31
CA LEU A 25 -10.83 -2.74 -9.85
C LEU A 25 -11.23 -3.07 -11.29
N LEU A 26 -10.43 -3.88 -11.96
CA LEU A 26 -10.71 -4.26 -13.34
C LEU A 26 -11.84 -5.28 -13.41
N SER A 27 -11.82 -6.24 -12.49
CA SER A 27 -12.84 -7.29 -12.44
C SER A 27 -14.08 -6.79 -11.71
N LYS A 28 -13.93 -5.71 -10.96
CA LYS A 28 -15.05 -5.16 -10.20
C LYS A 28 -16.14 -4.63 -11.14
N LYS A 29 -15.72 -3.90 -12.17
CA LYS A 29 -16.65 -3.34 -13.15
C LYS A 29 -16.49 -4.00 -14.50
N LYS A 30 -17.31 -5.00 -14.77
CA LYS A 30 -17.27 -5.72 -16.04
C LYS A 30 -18.22 -5.11 -17.06
N LYS A 1 10.50 6.29 20.68
CA LYS A 1 11.37 6.14 19.49
C LYS A 1 10.72 5.26 18.44
N LYS A 2 10.51 3.99 18.78
CA LYS A 2 9.89 3.04 17.86
C LYS A 2 8.43 3.41 17.59
N LYS A 3 7.84 4.16 18.52
CA LYS A 3 6.44 4.58 18.38
C LYS A 3 6.25 5.49 17.18
N LEU A 4 7.17 6.43 16.99
CA LEU A 4 7.11 7.37 15.87
C LEU A 4 7.21 6.64 14.54
N HIS A 5 8.27 5.85 14.38
CA HIS A 5 8.50 5.10 13.15
C HIS A 5 7.36 4.11 12.89
N PHE A 6 6.62 3.78 13.96
CA PHE A 6 5.52 2.84 13.84
C PHE A 6 4.31 3.48 13.18
N MET A 7 4.04 4.74 13.51
CA MET A 7 2.91 5.47 12.94
C MET A 7 2.98 5.50 11.41
N TYR A 8 4.16 5.28 10.86
CA TYR A 8 4.36 5.30 9.41
C TYR A 8 4.11 3.92 8.79
N VAL A 9 4.36 2.86 9.57
CA VAL A 9 4.17 1.50 9.06
C VAL A 9 2.72 1.24 8.67
N LEU A 10 1.80 1.95 9.31
CA LEU A 10 0.38 1.80 9.01
C LEU A 10 0.10 2.23 7.57
N LEU A 11 1.01 3.02 7.03
CA LEU A 11 0.89 3.51 5.65
C LEU A 11 1.39 2.46 4.67
N LEU A 12 2.50 1.82 5.02
CA LEU A 12 3.09 0.78 4.18
C LEU A 12 2.06 -0.28 3.81
N LEU A 13 1.19 -0.61 4.75
CA LEU A 13 0.14 -1.59 4.52
C LEU A 13 -0.77 -1.13 3.39
N PHE A 14 -1.13 0.15 3.42
CA PHE A 14 -1.99 0.74 2.40
C PHE A 14 -1.29 0.71 1.04
N VAL A 15 0.04 0.76 1.08
CA VAL A 15 0.84 0.75 -0.15
C VAL A 15 0.90 -0.66 -0.74
N LEU A 16 0.96 -1.67 0.13
CA LEU A 16 1.03 -3.05 -0.31
C LEU A 16 -0.17 -3.42 -1.17
N LEU A 17 -1.35 -3.42 -0.56
CA LEU A 17 -2.58 -3.75 -1.25
C LEU A 17 -2.80 -2.87 -2.48
N PHE A 18 -2.13 -1.72 -2.50
CA PHE A 18 -2.26 -0.79 -3.61
C PHE A 18 -1.59 -1.34 -4.86
N PHE A 19 -0.34 -1.80 -4.72
CA PHE A 19 0.41 -2.35 -5.85
C PHE A 19 0.02 -3.80 -6.13
N VAL A 20 0.09 -4.64 -5.09
CA VAL A 20 -0.25 -6.05 -5.24
C VAL A 20 -1.70 -6.25 -5.67
N GLY A 21 -2.54 -5.26 -5.35
CA GLY A 21 -3.95 -5.35 -5.71
C GLY A 21 -4.18 -5.21 -7.20
N CYS A 22 -3.21 -4.63 -7.90
CA CYS A 22 -3.31 -4.44 -9.34
C CYS A 22 -2.81 -5.67 -10.09
N GLY A 23 -2.02 -6.49 -9.40
CA GLY A 23 -1.47 -7.69 -10.02
C GLY A 23 -2.54 -8.66 -10.48
N VAL A 24 -3.63 -8.74 -9.73
CA VAL A 24 -4.73 -9.62 -10.06
C VAL A 24 -5.54 -9.11 -11.25
N LEU A 25 -5.55 -7.78 -11.41
CA LEU A 25 -6.28 -7.15 -12.51
C LEU A 25 -5.71 -7.56 -13.86
N LEU A 26 -4.40 -7.46 -14.00
CA LEU A 26 -3.72 -7.80 -15.24
C LEU A 26 -3.79 -9.31 -15.50
N SER A 27 -3.54 -10.10 -14.48
CA SER A 27 -3.56 -11.56 -14.60
C SER A 27 -4.95 -12.05 -14.99
N LYS A 28 -5.98 -11.29 -14.60
CA LYS A 28 -7.36 -11.68 -14.91
C LYS A 28 -7.69 -11.42 -16.37
N LYS A 29 -7.10 -10.36 -16.94
CA LYS A 29 -7.34 -10.02 -18.34
C LYS A 29 -6.75 -11.07 -19.26
N LYS A 30 -5.52 -11.46 -19.01
CA LYS A 30 -4.84 -12.47 -19.82
C LYS A 30 -4.54 -13.72 -19.00
N LYS A 1 9.25 8.30 21.00
CA LYS A 1 10.40 8.22 20.06
C LYS A 1 10.22 7.08 19.06
N LYS A 2 9.96 5.88 19.57
CA LYS A 2 9.77 4.71 18.72
C LYS A 2 8.35 4.67 18.15
N LYS A 3 7.40 5.17 18.94
CA LYS A 3 6.00 5.19 18.52
C LYS A 3 5.81 6.02 17.25
N LEU A 4 6.59 7.09 17.13
CA LEU A 4 6.51 7.97 15.96
C LEU A 4 6.88 7.20 14.69
N HIS A 5 7.80 6.25 14.84
CA HIS A 5 8.25 5.44 13.71
C HIS A 5 7.29 4.30 13.44
N PHE A 6 6.52 3.93 14.47
CA PHE A 6 5.55 2.84 14.35
C PHE A 6 4.27 3.32 13.64
N MET A 7 4.10 4.62 13.55
CA MET A 7 2.92 5.20 12.91
C MET A 7 3.02 5.09 11.39
N TYR A 8 4.24 5.01 10.88
CA TYR A 8 4.46 4.91 9.43
C TYR A 8 4.43 3.46 8.95
N VAL A 9 4.86 2.54 9.80
CA VAL A 9 4.90 1.12 9.42
C VAL A 9 3.53 0.61 8.98
N LEU A 10 2.47 1.25 9.48
CA LEU A 10 1.11 0.85 9.11
C LEU A 10 0.78 1.33 7.70
N LEU A 11 1.42 2.42 7.28
CA LEU A 11 1.20 2.99 5.96
C LEU A 11 1.61 2.00 4.87
N LEU A 12 2.72 1.30 5.10
CA LEU A 12 3.24 0.32 4.15
C LEU A 12 2.15 -0.65 3.72
N LEU A 13 1.37 -1.14 4.68
CA LEU A 13 0.31 -2.08 4.40
C LEU A 13 -0.67 -1.49 3.39
N PHE A 14 -0.88 -0.18 3.47
CA PHE A 14 -1.79 0.51 2.56
C PHE A 14 -1.14 0.68 1.18
N VAL A 15 0.19 0.71 1.15
CA VAL A 15 0.92 0.87 -0.09
C VAL A 15 0.72 -0.35 -1.00
N LEU A 16 0.56 -1.53 -0.40
CA LEU A 16 0.36 -2.75 -1.17
C LEU A 16 -0.93 -2.67 -2.00
N LEU A 17 -2.04 -2.41 -1.32
CA LEU A 17 -3.34 -2.31 -1.99
C LEU A 17 -3.31 -1.23 -3.07
N PHE A 18 -2.45 -0.24 -2.89
CA PHE A 18 -2.33 0.86 -3.85
C PHE A 18 -1.69 0.40 -5.15
N PHE A 19 -0.51 -0.21 -5.06
CA PHE A 19 0.20 -0.68 -6.23
C PHE A 19 -0.55 -1.79 -6.96
N VAL A 20 -0.97 -2.82 -6.22
CA VAL A 20 -1.70 -3.93 -6.82
C VAL A 20 -2.95 -3.45 -7.56
N GLY A 21 -3.48 -2.30 -7.14
CA GLY A 21 -4.66 -1.75 -7.78
C GLY A 21 -4.35 -1.06 -9.09
N CYS A 22 -3.22 -0.37 -9.14
CA CYS A 22 -2.80 0.34 -10.34
C CYS A 22 -2.13 -0.61 -11.33
N GLY A 23 -1.70 -1.76 -10.83
CA GLY A 23 -1.05 -2.74 -11.68
C GLY A 23 -2.02 -3.41 -12.64
N VAL A 24 -3.10 -3.95 -12.11
CA VAL A 24 -4.11 -4.61 -12.91
C VAL A 24 -4.74 -3.64 -13.92
N LEU A 25 -4.73 -2.36 -13.56
CA LEU A 25 -5.29 -1.32 -14.43
C LEU A 25 -4.59 -1.30 -15.78
N LEU A 26 -3.27 -1.26 -15.76
CA LEU A 26 -2.48 -1.22 -16.99
C LEU A 26 -2.39 -2.62 -17.60
N SER A 27 -2.60 -3.63 -16.78
CA SER A 27 -2.54 -5.02 -17.24
C SER A 27 -3.63 -5.29 -18.28
N LYS A 28 -4.73 -4.56 -18.18
CA LYS A 28 -5.84 -4.70 -19.11
C LYS A 28 -5.52 -4.06 -20.45
N LYS A 29 -4.71 -3.00 -20.41
CA LYS A 29 -4.33 -2.29 -21.62
C LYS A 29 -3.00 -2.82 -22.16
N LYS A 30 -2.86 -4.14 -22.19
CA LYS A 30 -1.64 -4.78 -22.68
C LYS A 30 -0.42 -4.32 -21.89
N LYS A 1 11.32 8.18 19.68
CA LYS A 1 10.74 8.35 18.32
C LYS A 1 10.21 7.02 17.78
N LYS A 2 9.82 6.14 18.70
CA LYS A 2 9.30 4.82 18.31
C LYS A 2 7.85 4.93 17.83
N LYS A 3 7.11 5.84 18.43
CA LYS A 3 5.70 6.04 18.06
C LYS A 3 5.59 6.66 16.67
N LEU A 4 6.54 7.52 16.34
CA LEU A 4 6.57 8.20 15.05
C LEU A 4 6.83 7.21 13.92
N HIS A 5 7.67 6.21 14.20
CA HIS A 5 8.01 5.20 13.20
C HIS A 5 6.93 4.11 13.13
N PHE A 6 6.27 3.86 14.25
CA PHE A 6 5.23 2.85 14.32
C PHE A 6 3.99 3.31 13.55
N MET A 7 3.90 4.61 13.30
CA MET A 7 2.76 5.17 12.59
C MET A 7 2.98 5.07 11.08
N TYR A 8 4.24 4.95 10.67
CA TYR A 8 4.58 4.86 9.26
C TYR A 8 4.54 3.41 8.79
N VAL A 9 4.99 2.50 9.65
CA VAL A 9 5.00 1.07 9.31
C VAL A 9 3.60 0.57 8.95
N LEU A 10 2.59 1.16 9.57
CA LEU A 10 1.20 0.77 9.31
C LEU A 10 0.76 1.27 7.93
N LEU A 11 1.40 2.33 7.47
CA LEU A 11 1.08 2.91 6.17
C LEU A 11 1.48 1.95 5.04
N LEU A 12 2.57 1.21 5.26
CA LEU A 12 3.07 0.26 4.29
C LEU A 12 1.97 -0.70 3.85
N LEU A 13 1.12 -1.09 4.80
CA LEU A 13 0.02 -2.01 4.51
C LEU A 13 -0.93 -1.42 3.47
N PHE A 14 -1.06 -0.09 3.48
CA PHE A 14 -1.92 0.60 2.53
C PHE A 14 -1.24 0.75 1.18
N VAL A 15 0.08 0.79 1.19
CA VAL A 15 0.87 0.95 -0.03
C VAL A 15 0.69 -0.25 -0.96
N LEU A 16 0.65 -1.45 -0.38
CA LEU A 16 0.49 -2.67 -1.17
C LEU A 16 -0.82 -2.66 -1.95
N LEU A 17 -1.92 -2.39 -1.25
CA LEU A 17 -3.24 -2.35 -1.88
C LEU A 17 -3.30 -1.28 -2.97
N PHE A 18 -2.38 -0.32 -2.90
CA PHE A 18 -2.34 0.76 -3.88
C PHE A 18 -1.56 0.35 -5.14
N PHE A 19 -0.52 -0.45 -4.97
CA PHE A 19 0.31 -0.89 -6.09
C PHE A 19 -0.36 -2.05 -6.83
N VAL A 20 -1.06 -2.91 -6.10
CA VAL A 20 -1.72 -4.05 -6.71
C VAL A 20 -2.96 -3.64 -7.49
N GLY A 21 -3.57 -2.53 -7.07
CA GLY A 21 -4.77 -2.04 -7.73
C GLY A 21 -4.46 -1.20 -8.96
N CYS A 22 -3.40 -0.41 -8.88
CA CYS A 22 -3.00 0.45 -9.99
C CYS A 22 -2.08 -0.27 -10.97
N GLY A 23 -1.43 -1.33 -10.48
CA GLY A 23 -0.53 -2.09 -11.32
C GLY A 23 -1.20 -2.67 -12.56
N VAL A 24 -2.46 -3.08 -12.40
CA VAL A 24 -3.21 -3.66 -13.52
C VAL A 24 -3.49 -2.63 -14.61
N LEU A 25 -3.54 -1.37 -14.21
CA LEU A 25 -3.81 -0.28 -15.16
C LEU A 25 -2.67 -0.12 -16.15
N LEU A 26 -1.45 -0.44 -15.73
CA LEU A 26 -0.28 -0.33 -16.59
C LEU A 26 -0.40 -1.24 -17.81
N SER A 27 -0.86 -2.46 -17.59
CA SER A 27 -1.02 -3.41 -18.69
C SER A 27 -2.16 -2.99 -19.62
N LYS A 28 -3.17 -2.34 -19.04
CA LYS A 28 -4.33 -1.88 -19.80
C LYS A 28 -3.90 -0.83 -20.82
N LYS A 29 -2.79 -0.16 -20.54
CA LYS A 29 -2.27 0.88 -21.43
C LYS A 29 -3.34 1.92 -21.75
N LYS A 30 -3.48 2.90 -20.86
CA LYS A 30 -4.46 3.96 -21.02
C LYS A 30 -3.86 5.33 -20.67
N LYS A 1 11.60 8.32 19.09
CA LYS A 1 10.92 8.37 17.76
C LYS A 1 10.37 7.00 17.39
N LYS A 2 10.39 6.08 18.35
CA LYS A 2 9.88 4.73 18.12
C LYS A 2 8.37 4.74 17.89
N LYS A 3 7.70 5.74 18.46
CA LYS A 3 6.26 5.87 18.33
C LYS A 3 5.89 6.47 16.96
N LEU A 4 6.72 7.38 16.47
CA LEU A 4 6.48 8.02 15.19
C LEU A 4 6.78 7.07 14.04
N HIS A 5 7.68 6.12 14.28
CA HIS A 5 8.05 5.15 13.27
C HIS A 5 6.99 4.07 13.14
N PHE A 6 6.29 3.79 14.24
CA PHE A 6 5.24 2.79 14.25
C PHE A 6 4.02 3.27 13.45
N MET A 7 3.94 4.58 13.25
CA MET A 7 2.84 5.16 12.50
C MET A 7 3.06 5.04 11.01
N TYR A 8 4.33 4.87 10.61
CA TYR A 8 4.69 4.75 9.20
C TYR A 8 4.61 3.30 8.75
N VAL A 9 5.05 2.38 9.61
CA VAL A 9 5.03 0.96 9.29
C VAL A 9 3.62 0.48 8.97
N LEU A 10 2.62 1.16 9.54
CA LEU A 10 1.22 0.82 9.30
C LEU A 10 0.78 1.33 7.93
N LEU A 11 1.44 2.38 7.46
CA LEU A 11 1.13 2.97 6.16
C LEU A 11 1.46 1.99 5.04
N LEU A 12 2.54 1.22 5.24
CA LEU A 12 2.98 0.24 4.26
C LEU A 12 1.86 -0.74 3.94
N LEU A 13 0.99 -0.98 4.91
CA LEU A 13 -0.13 -1.90 4.74
C LEU A 13 -1.08 -1.38 3.67
N PHE A 14 -1.19 -0.05 3.59
CA PHE A 14 -2.06 0.59 2.61
C PHE A 14 -1.38 0.64 1.24
N VAL A 15 -0.06 0.77 1.25
CA VAL A 15 0.71 0.84 0.01
C VAL A 15 0.70 -0.51 -0.71
N LEU A 16 0.47 -1.58 0.04
CA LEU A 16 0.44 -2.92 -0.52
C LEU A 16 -0.63 -3.02 -1.62
N LEU A 17 -1.81 -2.49 -1.34
CA LEU A 17 -2.91 -2.52 -2.30
C LEU A 17 -2.62 -1.66 -3.52
N PHE A 18 -1.68 -0.74 -3.38
CA PHE A 18 -1.31 0.15 -4.47
C PHE A 18 -0.42 -0.57 -5.48
N PHE A 19 0.47 -1.42 -4.98
CA PHE A 19 1.39 -2.16 -5.83
C PHE A 19 0.72 -3.40 -6.43
N VAL A 20 -0.06 -4.11 -5.63
CA VAL A 20 -0.75 -5.30 -6.09
C VAL A 20 -1.95 -4.95 -6.97
N GLY A 21 -2.44 -3.72 -6.83
CA GLY A 21 -3.58 -3.29 -7.60
C GLY A 21 -3.22 -2.94 -9.04
N CYS A 22 -2.03 -2.37 -9.23
CA CYS A 22 -1.57 -1.99 -10.56
C CYS A 22 -0.86 -3.15 -11.24
N GLY A 23 -0.42 -4.13 -10.45
CA GLY A 23 0.27 -5.28 -11.01
C GLY A 23 -0.61 -6.11 -11.91
N VAL A 24 -1.89 -6.25 -11.54
CA VAL A 24 -2.83 -7.03 -12.32
C VAL A 24 -3.14 -6.35 -13.65
N LEU A 25 -2.98 -5.04 -13.70
CA LEU A 25 -3.25 -4.28 -14.92
C LEU A 25 -2.33 -4.72 -16.06
N LEU A 26 -1.09 -5.06 -15.72
CA LEU A 26 -0.11 -5.49 -16.71
C LEU A 26 -0.39 -6.92 -17.18
N SER A 27 -1.23 -7.63 -16.44
CA SER A 27 -1.58 -9.00 -16.78
C SER A 27 -2.36 -9.06 -18.09
N LYS A 28 -3.24 -8.09 -18.29
CA LYS A 28 -4.04 -8.04 -19.50
C LYS A 28 -3.17 -7.83 -20.73
N LYS A 29 -2.05 -7.14 -20.55
CA LYS A 29 -1.13 -6.87 -21.64
C LYS A 29 -1.84 -6.17 -22.79
N LYS A 30 -1.99 -4.86 -22.68
CA LYS A 30 -2.66 -4.06 -23.71
C LYS A 30 -4.05 -4.60 -23.99
#